data_2RGO
#
_entry.id   2RGO
#
_cell.length_a   128.363
_cell.length_b   106.785
_cell.length_c   58.887
_cell.angle_alpha   90.00
_cell.angle_beta   99.18
_cell.angle_gamma   90.00
#
_symmetry.space_group_name_H-M   'P 1 21 1'
#
loop_
_entity.id
_entity.type
_entity.pdbx_description
1 polymer 'Alpha-Glycerophosphate Oxidase'
2 non-polymer 'FLAVIN-ADENINE DINUCLEOTIDE'
3 water water
#
_entity_poly.entity_id   1
_entity_poly.type   'polypeptide(L)'
_entity_poly.pdbx_seq_one_letter_code
;MFSNKTRQDSIQKMQQEELDLLIIGGGITGAGVAVQAAASGIKTGLIEMQDFAEGTSSRSTKLVHGGIRYLKTFDVEVVA
DTVGERAVVQGIAPHIPKPDPMLLPIYEDEGATTFNMFSVKVAMDLYDKLANVTGTKYENYTLTPEEVLEREPFLKKEGL
KGAGVYLDFRNNDARLVIDNIKKAAEDGAYLVSKMKAVGFLYEGDQIVGVKARDLLTDEVIEIKAKLVINTSGPWVDKVR
NLNFTRPVSPKMRPTKGIHLVVDAKKLPVPQPTYFDTGKQDGRMVFAIPRENKTYFGTTDTDYQGDFTDPKVTQEDVDYL
LDVINHRYPEANITLADIEASWAGLRPLLIGNSGSDYNGGDNGSISDKSFNKVVDTVSEYKENKVSRAEVEDVLNHLENS
RDEKAPSTISRGSSLEREPDGLLTLSGGKITDYRKMAEGALRLIRQLLKEEYGIETKEIDSKKYQISGGNFDPTKLEETV
TELAKEGVAAGLEEEDATYIADFYGTNARRIFELAKEMAPYPGLSLAESARLRYGLEEEMVLAPGDYLIRRTNHLLFERD
QLDEIKQPVIDAIAEYFGWTEEEKAQQTKRLEALIAESDLRELKGEK
;
_entity_poly.pdbx_strand_id   A,B
#
# COMPACT_ATOMS: atom_id res chain seq x y z
N MET A 1 -8.31 -0.38 34.49
CA MET A 1 -7.17 0.17 35.29
C MET A 1 -5.79 -0.34 34.82
N PHE A 2 -4.75 0.47 35.00
CA PHE A 2 -3.33 0.12 34.64
C PHE A 2 -2.44 0.53 35.84
N SER A 3 -2.28 -0.40 36.78
CA SER A 3 -1.56 -0.09 38.01
C SER A 3 -0.79 -1.25 38.61
N ASN A 4 -0.38 -1.09 39.87
CA ASN A 4 0.37 -2.13 40.55
C ASN A 4 -0.51 -3.38 40.70
N LYS A 5 -1.82 -3.18 40.70
CA LYS A 5 -2.74 -4.31 40.81
C LYS A 5 -2.78 -5.06 39.49
N THR A 6 -2.89 -4.32 38.38
CA THR A 6 -2.89 -4.90 37.03
C THR A 6 -1.51 -5.61 36.89
N ARG A 7 -0.47 -4.92 37.33
CA ARG A 7 0.86 -5.50 37.27
C ARG A 7 0.86 -6.90 37.90
N GLN A 8 0.44 -7.00 39.15
CA GLN A 8 0.42 -8.29 39.83
C GLN A 8 -0.38 -9.39 39.11
N ASP A 9 -1.51 -9.05 38.45
CA ASP A 9 -2.25 -10.07 37.72
C ASP A 9 -1.48 -10.48 36.48
N SER A 10 -0.79 -9.54 35.84
CA SER A 10 -0.01 -9.88 34.65
C SER A 10 1.11 -10.88 34.99
N ILE A 11 1.72 -10.68 36.17
CA ILE A 11 2.79 -11.55 36.62
C ILE A 11 2.32 -12.98 36.85
N GLN A 12 1.05 -13.16 37.21
CA GLN A 12 0.53 -14.51 37.42
C GLN A 12 0.22 -15.16 36.07
N LYS A 13 -0.40 -14.42 35.16
CA LYS A 13 -0.73 -14.96 33.84
C LYS A 13 0.49 -15.39 33.06
N MET A 14 1.55 -14.61 33.13
CA MET A 14 2.78 -14.94 32.43
C MET A 14 3.36 -16.25 32.97
N GLN A 15 2.78 -16.78 34.03
CA GLN A 15 3.26 -18.02 34.62
C GLN A 15 2.26 -19.15 34.42
N GLN A 16 1.01 -18.82 34.09
CA GLN A 16 -0.02 -19.82 33.88
C GLN A 16 0.12 -20.50 32.53
N GLU A 17 0.07 -19.74 31.45
CA GLU A 17 0.20 -20.36 30.13
C GLU A 17 1.20 -19.68 29.21
N GLU A 18 1.84 -20.49 28.36
CA GLU A 18 2.84 -20.05 27.38
C GLU A 18 2.41 -18.87 26.49
N LEU A 19 3.32 -17.92 26.27
CA LEU A 19 3.06 -16.76 25.41
C LEU A 19 3.59 -17.01 23.99
N ASP A 20 3.01 -16.29 23.03
CA ASP A 20 3.48 -16.40 21.66
C ASP A 20 4.65 -15.42 21.47
N LEU A 21 4.65 -14.29 22.20
CA LEU A 21 5.75 -13.31 22.09
C LEU A 21 6.12 -12.60 23.41
N LEU A 22 7.39 -12.70 23.83
CA LEU A 22 7.82 -12.01 25.04
C LEU A 22 8.84 -10.94 24.62
N ILE A 23 8.64 -9.70 25.05
CA ILE A 23 9.50 -8.56 24.71
C ILE A 23 10.37 -8.14 25.92
N ILE A 24 11.65 -7.82 25.68
CA ILE A 24 12.60 -7.43 26.73
C ILE A 24 13.06 -5.97 26.51
N GLY A 25 12.54 -5.05 27.32
CA GLY A 25 12.88 -3.63 27.17
C GLY A 25 11.62 -2.79 26.96
N GLY A 26 11.34 -1.87 27.87
CA GLY A 26 10.16 -1.03 27.77
C GLY A 26 10.42 0.45 27.52
N GLY A 27 11.22 0.73 26.50
CA GLY A 27 11.49 2.09 26.07
C GLY A 27 10.64 2.25 24.81
N ILE A 28 10.96 3.22 23.95
CA ILE A 28 10.16 3.43 22.73
C ILE A 28 10.16 2.25 21.73
N THR A 29 11.28 1.54 21.63
CA THR A 29 11.35 0.42 20.71
C THR A 29 10.47 -0.77 21.11
N GLY A 30 10.40 -1.09 22.39
CA GLY A 30 9.58 -2.20 22.85
C GLY A 30 8.13 -1.75 22.93
N ALA A 31 7.89 -0.52 23.37
CA ALA A 31 6.53 -0.02 23.45
C ALA A 31 5.93 -0.08 22.05
N GLY A 32 6.76 0.25 21.05
CA GLY A 32 6.31 0.24 19.66
C GLY A 32 5.91 -1.15 19.19
N VAL A 33 6.79 -2.11 19.43
CA VAL A 33 6.56 -3.51 19.08
C VAL A 33 5.33 -4.05 19.81
N ALA A 34 5.22 -3.73 21.09
CA ALA A 34 4.10 -4.23 21.87
C ALA A 34 2.72 -3.83 21.30
N VAL A 35 2.59 -2.55 20.94
CA VAL A 35 1.36 -2.03 20.40
C VAL A 35 0.94 -2.72 19.10
N GLN A 36 1.90 -2.98 18.19
CA GLN A 36 1.54 -3.62 16.93
C GLN A 36 1.28 -5.13 17.02
N ALA A 37 1.85 -5.80 18.02
CA ALA A 37 1.65 -7.23 18.19
C ALA A 37 0.26 -7.43 18.82
N ALA A 38 -0.01 -6.68 19.86
CA ALA A 38 -1.27 -6.74 20.55
C ALA A 38 -2.42 -6.51 19.57
N ALA A 39 -2.38 -5.40 18.81
CA ALA A 39 -3.44 -5.07 17.85
C ALA A 39 -3.65 -6.14 16.77
N SER A 40 -2.66 -7.01 16.59
CA SER A 40 -2.74 -8.04 15.57
C SER A 40 -3.24 -9.41 16.06
N GLY A 41 -3.50 -9.54 17.36
CA GLY A 41 -3.98 -10.80 17.86
C GLY A 41 -2.94 -11.72 18.49
N ILE A 42 -1.67 -11.33 18.45
CA ILE A 42 -0.58 -12.12 19.04
C ILE A 42 -0.53 -12.01 20.57
N LYS A 43 -0.70 -13.10 21.29
CA LYS A 43 -0.63 -13.07 22.75
C LYS A 43 0.80 -12.58 23.12
N THR A 44 0.85 -11.48 23.87
CA THR A 44 2.09 -10.75 24.13
C THR A 44 2.48 -10.36 25.54
N GLY A 45 3.77 -10.55 25.84
CA GLY A 45 4.30 -10.16 27.14
C GLY A 45 5.48 -9.19 27.00
N LEU A 46 5.69 -8.32 27.99
CA LEU A 46 6.82 -7.38 27.97
C LEU A 46 7.37 -7.14 29.39
N ILE A 47 8.68 -7.26 29.57
CA ILE A 47 9.29 -6.99 30.87
C ILE A 47 10.29 -5.84 30.77
N GLU A 48 10.29 -4.95 31.76
CA GLU A 48 11.19 -3.79 31.84
C GLU A 48 11.78 -3.68 33.27
N MET A 49 13.12 -3.73 33.34
CA MET A 49 14.00 -3.70 34.52
C MET A 49 13.81 -2.48 35.45
N GLN A 50 13.58 -1.30 34.86
CA GLN A 50 13.35 -0.07 35.61
C GLN A 50 11.86 0.39 35.37
N ASP A 51 11.60 1.68 35.28
CA ASP A 51 10.28 2.20 34.96
C ASP A 51 10.22 2.30 33.42
N PHE A 52 9.03 2.42 32.84
CA PHE A 52 8.93 2.56 31.38
C PHE A 52 9.64 3.91 31.03
N ALA A 53 10.40 3.91 29.92
CA ALA A 53 11.16 5.10 29.47
C ALA A 53 12.35 5.52 30.36
N GLU A 54 12.66 4.79 31.44
CA GLU A 54 13.74 5.23 32.33
C GLU A 54 15.14 5.17 31.71
N GLY A 55 15.27 4.43 30.63
CA GLY A 55 16.49 4.34 29.84
C GLY A 55 16.72 5.57 28.95
N THR A 56 17.28 5.36 27.75
CA THR A 56 17.57 6.49 26.89
C THR A 56 16.40 7.23 26.21
N SER A 57 15.22 6.61 26.19
CA SER A 57 13.98 7.23 25.64
C SER A 57 13.44 8.45 26.43
N SER A 58 14.08 8.82 27.53
CA SER A 58 13.67 10.01 28.28
C SER A 58 14.89 10.95 28.42
N ARG A 59 15.91 10.70 27.62
CA ARG A 59 17.13 11.48 27.74
C ARG A 59 17.65 12.00 26.41
N SER A 60 16.77 12.15 25.42
CA SER A 60 17.19 12.64 24.11
C SER A 60 17.07 14.16 24.00
N THR A 61 16.99 14.70 22.79
CA THR A 61 16.93 16.17 22.63
C THR A 61 15.54 16.76 22.82
N LYS A 62 14.52 15.90 22.85
CA LYS A 62 13.14 16.29 23.03
C LYS A 62 12.65 17.20 21.91
N LEU A 63 13.06 16.85 20.70
CA LEU A 63 12.73 17.55 19.47
C LEU A 63 12.54 16.53 18.42
N VAL A 64 11.81 16.87 17.35
CA VAL A 64 11.75 16.01 16.17
C VAL A 64 12.33 16.91 15.06
N HIS A 65 13.62 16.75 14.83
CA HIS A 65 14.36 17.55 13.86
C HIS A 65 14.28 17.00 12.41
N GLY A 66 14.19 17.91 11.45
CA GLY A 66 14.04 17.55 10.06
C GLY A 66 15.28 17.11 9.29
N GLY A 67 16.44 17.62 9.65
CA GLY A 67 17.65 17.19 8.96
C GLY A 67 17.97 17.97 7.69
N ILE A 68 17.59 19.25 7.68
CA ILE A 68 17.84 20.17 6.54
C ILE A 68 19.34 20.28 6.22
N ARG A 69 20.18 19.94 7.19
CA ARG A 69 21.63 20.00 7.01
C ARG A 69 22.06 19.02 5.94
N TYR A 70 21.37 17.88 5.85
CA TYR A 70 21.65 16.88 4.85
C TYR A 70 21.57 17.37 3.38
N LEU A 71 20.94 18.52 3.14
CA LEU A 71 20.87 19.03 1.76
C LEU A 71 22.23 19.58 1.27
N LYS A 72 23.11 19.88 2.22
CA LYS A 72 24.43 20.39 1.89
C LYS A 72 25.28 19.40 1.10
N THR A 73 25.00 18.10 1.23
CA THR A 73 25.72 17.12 0.44
C THR A 73 24.72 16.37 -0.46
N PHE A 74 23.65 17.09 -0.80
CA PHE A 74 22.51 16.64 -1.61
C PHE A 74 21.96 15.27 -1.28
N ASP A 75 21.94 14.91 0.01
CA ASP A 75 21.38 13.61 0.43
C ASP A 75 19.87 13.80 0.60
N VAL A 76 19.15 13.89 -0.53
CA VAL A 76 17.70 14.15 -0.49
C VAL A 76 16.80 13.02 -0.09
N GLU A 77 17.22 11.79 -0.36
CA GLU A 77 16.38 10.66 0.01
C GLU A 77 16.27 10.55 1.55
N VAL A 78 17.37 10.84 2.26
CA VAL A 78 17.37 10.82 3.72
C VAL A 78 16.38 11.87 4.24
N VAL A 79 16.36 13.07 3.66
CA VAL A 79 15.46 14.13 4.11
C VAL A 79 13.99 13.78 3.82
N ALA A 80 13.75 13.19 2.65
CA ALA A 80 12.39 12.78 2.27
C ALA A 80 11.86 11.72 3.24
N ASP A 81 12.72 10.79 3.63
CA ASP A 81 12.36 9.74 4.58
C ASP A 81 12.00 10.26 5.94
N THR A 82 12.76 11.24 6.40
CA THR A 82 12.58 11.84 7.72
C THR A 82 11.35 12.71 7.86
N VAL A 83 11.13 13.68 6.96
CA VAL A 83 9.91 14.51 7.04
C VAL A 83 8.68 13.63 6.80
N GLY A 84 8.83 12.62 5.97
CA GLY A 84 7.71 11.72 5.72
C GLY A 84 7.26 10.92 6.94
N GLU A 85 8.21 10.39 7.73
CA GLU A 85 7.81 9.61 8.91
C GLU A 85 7.38 10.51 10.05
N ARG A 86 7.89 11.73 10.07
CA ARG A 86 7.50 12.67 11.10
C ARG A 86 5.97 12.95 10.94
N ALA A 87 5.51 13.18 9.70
CA ALA A 87 4.10 13.42 9.42
C ALA A 87 3.27 12.21 9.88
N VAL A 88 3.80 11.00 9.64
CA VAL A 88 3.11 9.79 10.05
C VAL A 88 3.00 9.69 11.56
N VAL A 89 4.05 10.07 12.31
CA VAL A 89 3.99 9.98 13.77
C VAL A 89 3.00 11.03 14.31
N GLN A 90 3.02 12.25 13.77
CA GLN A 90 2.07 13.30 14.18
C GLN A 90 0.58 12.82 13.99
N GLY A 91 0.33 12.03 12.95
CA GLY A 91 -1.01 11.53 12.72
C GLY A 91 -1.48 10.53 13.76
N ILE A 92 -0.58 9.76 14.37
CA ILE A 92 -1.02 8.79 15.37
C ILE A 92 -0.89 9.29 16.81
N ALA A 93 -0.30 10.47 16.97
CA ALA A 93 -0.09 11.02 18.32
C ALA A 93 -0.11 12.55 18.22
N PRO A 94 -1.24 13.10 17.70
CA PRO A 94 -1.39 14.55 17.54
C PRO A 94 -1.30 15.35 18.83
N HIS A 95 -1.33 14.66 19.97
CA HIS A 95 -1.19 15.35 21.27
C HIS A 95 0.26 15.41 21.84
N ILE A 96 1.24 14.83 21.14
CA ILE A 96 2.63 14.87 21.66
C ILE A 96 3.54 15.76 20.74
N PRO A 97 4.09 15.25 19.63
CA PRO A 97 4.90 16.17 18.84
C PRO A 97 4.07 17.40 18.26
N LYS A 98 4.45 18.63 18.61
CA LYS A 98 3.77 19.83 18.14
C LYS A 98 4.71 20.68 17.26
N PRO A 99 4.13 21.56 16.44
CA PRO A 99 4.90 22.45 15.55
C PRO A 99 5.58 23.57 16.36
N ASP A 100 6.80 23.91 15.98
CA ASP A 100 7.56 24.97 16.66
C ASP A 100 8.70 25.40 15.72
N PRO A 101 8.39 26.24 14.73
CA PRO A 101 9.38 26.73 13.76
C PRO A 101 10.76 27.10 14.32
N MET A 102 11.78 26.65 13.60
CA MET A 102 13.18 26.88 14.00
C MET A 102 13.78 28.15 13.37
N LEU A 103 14.57 28.86 14.14
CA LEU A 103 15.28 30.05 13.70
C LEU A 103 16.79 29.68 13.46
N LEU A 104 17.29 29.88 12.24
CA LEU A 104 18.70 29.61 11.88
C LEU A 104 19.46 30.89 11.41
N PRO A 105 20.13 31.61 12.35
CA PRO A 105 20.86 32.84 11.98
C PRO A 105 22.07 32.58 11.08
N ILE A 106 22.36 33.55 10.21
CA ILE A 106 23.46 33.45 9.23
C ILE A 106 24.62 34.43 9.56
N TYR A 107 25.85 33.92 9.56
CA TYR A 107 27.05 34.70 9.90
C TYR A 107 28.17 34.57 8.87
N GLU A 108 28.94 35.63 8.75
CA GLU A 108 30.04 35.68 7.81
C GLU A 108 31.43 35.70 8.49
N ASP A 109 31.48 36.01 9.78
CA ASP A 109 32.79 36.09 10.47
C ASP A 109 33.19 34.78 11.17
N GLU A 110 32.35 33.77 11.03
CA GLU A 110 32.57 32.45 11.63
C GLU A 110 33.55 31.60 10.82
N GLY A 111 33.56 31.80 9.51
CA GLY A 111 34.44 31.03 8.65
C GLY A 111 34.02 29.59 8.39
N ALA A 112 33.57 29.33 7.16
CA ALA A 112 33.12 28.00 6.73
C ALA A 112 31.80 27.66 7.40
N THR A 113 30.72 28.18 6.82
CA THR A 113 29.40 27.98 7.38
C THR A 113 28.59 26.97 6.58
N THR A 114 27.36 26.70 7.00
CA THR A 114 26.52 25.72 6.30
C THR A 114 25.79 26.30 5.08
N PHE A 115 25.12 27.44 5.26
CA PHE A 115 24.38 28.10 4.19
C PHE A 115 24.70 29.59 4.27
N ASN A 116 24.34 30.36 3.25
CA ASN A 116 24.51 31.81 3.28
C ASN A 116 23.11 32.38 2.99
N MET A 117 22.92 33.69 3.02
CA MET A 117 21.57 34.20 2.78
C MET A 117 20.96 33.70 1.47
N PHE A 118 21.78 33.61 0.43
CA PHE A 118 21.26 33.14 -0.82
C PHE A 118 20.90 31.66 -0.77
N SER A 119 21.82 30.82 -0.31
CA SER A 119 21.55 29.39 -0.27
C SER A 119 20.51 28.85 0.75
N VAL A 120 20.30 29.49 1.90
CA VAL A 120 19.30 28.98 2.85
C VAL A 120 17.91 29.00 2.25
N LYS A 121 17.64 30.01 1.41
CA LYS A 121 16.36 30.15 0.76
C LYS A 121 16.03 28.97 -0.16
N VAL A 122 16.95 28.63 -1.06
CA VAL A 122 16.65 27.53 -1.96
C VAL A 122 16.63 26.20 -1.20
N ALA A 123 17.31 26.15 -0.05
CA ALA A 123 17.34 24.96 0.81
C ALA A 123 15.98 24.79 1.53
N MET A 124 15.50 25.86 2.13
CA MET A 124 14.20 25.84 2.82
C MET A 124 13.05 25.58 1.79
N ASP A 125 13.12 26.13 0.57
CA ASP A 125 12.09 25.83 -0.40
C ASP A 125 12.10 24.34 -0.79
N LEU A 126 13.30 23.77 -0.96
CA LEU A 126 13.41 22.35 -1.34
C LEU A 126 12.92 21.46 -0.19
N TYR A 127 13.20 21.92 1.03
CA TYR A 127 12.82 21.25 2.25
C TYR A 127 11.30 21.20 2.30
N ASP A 128 10.61 22.36 2.20
CA ASP A 128 9.13 22.37 2.20
C ASP A 128 8.56 21.52 1.08
N LYS A 129 9.09 21.64 -0.13
CA LYS A 129 8.55 20.81 -1.19
C LYS A 129 8.60 19.33 -0.83
N LEU A 130 9.78 18.79 -0.54
CA LEU A 130 9.92 17.37 -0.17
C LEU A 130 8.92 16.91 0.91
N ALA A 131 8.61 17.82 1.83
CA ALA A 131 7.68 17.58 2.93
C ALA A 131 6.22 18.01 2.63
N ASN A 132 5.91 18.33 1.39
CA ASN A 132 4.56 18.79 1.04
C ASN A 132 4.09 19.89 2.02
N VAL A 133 4.99 20.81 2.36
CA VAL A 133 4.70 21.89 3.29
C VAL A 133 4.58 23.24 2.58
N THR A 134 5.09 23.31 1.35
CA THR A 134 4.98 24.56 0.61
C THR A 134 3.48 24.78 0.30
N GLY A 135 2.97 25.96 0.65
CA GLY A 135 1.57 26.27 0.42
C GLY A 135 0.71 26.16 1.68
N THR A 136 1.36 25.85 2.81
CA THR A 136 0.66 25.73 4.09
C THR A 136 1.06 26.93 4.95
N LYS A 137 0.48 27.04 6.14
CA LYS A 137 0.76 28.14 7.07
C LYS A 137 2.18 28.19 7.63
N TYR A 138 2.93 27.08 7.53
CA TYR A 138 4.30 27.01 8.03
C TYR A 138 5.38 27.03 6.93
N GLU A 139 5.10 27.61 5.77
CA GLU A 139 6.14 27.65 4.76
C GLU A 139 7.20 28.64 5.23
N ASN A 140 8.45 28.38 4.85
CA ASN A 140 9.58 29.19 5.27
C ASN A 140 9.55 30.66 4.88
N TYR A 141 10.50 31.43 5.42
CA TYR A 141 10.69 32.86 5.14
C TYR A 141 12.04 33.30 5.76
N THR A 142 12.61 34.40 5.29
CA THR A 142 13.88 34.88 5.80
C THR A 142 13.74 36.15 6.61
N LEU A 143 14.77 36.53 7.34
CA LEU A 143 14.72 37.75 8.15
C LEU A 143 16.01 38.52 7.94
N THR A 144 16.00 39.82 8.20
CA THR A 144 17.15 40.69 8.03
C THR A 144 17.85 40.81 9.39
N PRO A 145 19.08 41.38 9.42
CA PRO A 145 19.73 41.48 10.71
C PRO A 145 18.85 42.24 11.69
N GLU A 146 18.32 43.38 11.29
CA GLU A 146 17.49 44.12 12.22
C GLU A 146 16.18 43.40 12.57
N GLU A 147 15.72 42.50 11.71
CA GLU A 147 14.52 41.73 12.03
C GLU A 147 14.90 40.63 13.04
N VAL A 148 16.13 40.11 12.93
CA VAL A 148 16.60 39.06 13.82
C VAL A 148 16.80 39.56 15.24
N LEU A 149 17.42 40.73 15.40
CA LEU A 149 17.66 41.27 16.73
C LEU A 149 16.37 41.72 17.41
N GLU A 150 15.34 42.02 16.60
CA GLU A 150 14.04 42.39 17.16
C GLU A 150 13.54 41.20 18.00
N ARG A 151 13.68 39.98 17.45
CA ARG A 151 13.24 38.77 18.16
C ARG A 151 14.20 38.32 19.27
N GLU A 152 15.50 38.46 19.05
CA GLU A 152 16.51 38.08 20.06
C GLU A 152 17.60 39.16 20.14
N PRO A 153 17.30 40.28 20.82
CA PRO A 153 18.22 41.40 21.00
C PRO A 153 19.56 41.08 21.67
N PHE A 154 19.68 39.87 22.19
CA PHE A 154 20.91 39.48 22.86
C PHE A 154 21.77 38.50 22.06
N LEU A 155 21.56 38.42 20.75
CA LEU A 155 22.35 37.53 19.90
C LEU A 155 23.59 38.26 19.40
N LYS A 156 24.68 37.51 19.21
CA LYS A 156 25.95 38.07 18.71
C LYS A 156 25.67 38.78 17.39
N LYS A 157 25.98 40.07 17.37
CA LYS A 157 25.76 40.98 16.22
C LYS A 157 26.86 41.04 15.17
N GLU A 158 28.09 40.83 15.60
CA GLU A 158 29.25 40.86 14.69
C GLU A 158 29.13 39.81 13.58
N GLY A 159 28.79 40.25 12.37
CA GLY A 159 28.67 39.33 11.25
C GLY A 159 27.29 38.83 10.87
N LEU A 160 26.30 39.11 11.68
CA LEU A 160 24.96 38.64 11.47
C LEU A 160 24.40 39.20 10.20
N LYS A 161 23.87 38.33 9.36
CA LYS A 161 23.44 38.74 8.04
C LYS A 161 21.99 38.47 7.75
N GLY A 162 21.29 37.94 8.74
CA GLY A 162 19.88 37.57 8.64
C GLY A 162 19.59 36.21 9.22
N ALA A 163 18.43 35.65 8.88
CA ALA A 163 18.05 34.33 9.37
C ALA A 163 17.04 33.63 8.50
N GLY A 164 16.98 32.32 8.64
CA GLY A 164 16.01 31.53 7.93
C GLY A 164 15.11 30.97 9.03
N VAL A 165 13.85 30.74 8.72
CA VAL A 165 12.90 30.17 9.68
C VAL A 165 12.17 29.06 8.94
N TYR A 166 12.23 27.83 9.46
CA TYR A 166 11.56 26.71 8.81
C TYR A 166 10.87 25.84 9.85
N LEU A 167 10.03 24.91 9.40
CA LEU A 167 9.24 24.05 10.29
C LEU A 167 9.98 22.89 10.99
N ASP A 168 9.71 22.73 12.28
CA ASP A 168 10.28 21.72 13.16
C ASP A 168 9.25 21.46 14.29
N PHE A 169 9.45 20.40 15.07
CA PHE A 169 8.56 20.02 16.16
C PHE A 169 9.24 19.76 17.52
N ARG A 170 8.56 20.12 18.61
CA ARG A 170 9.01 19.86 19.99
C ARG A 170 8.37 18.50 20.32
N ASN A 171 9.05 17.65 21.11
CA ASN A 171 8.51 16.31 21.40
C ASN A 171 8.82 15.79 22.81
N ASN A 172 7.82 15.33 23.56
CA ASN A 172 8.11 14.79 24.90
C ASN A 172 8.31 13.28 24.84
N ASP A 173 9.59 12.87 24.73
CA ASP A 173 9.93 11.45 24.59
C ASP A 173 9.34 10.49 25.64
N ALA A 174 9.38 10.86 26.92
CA ALA A 174 8.81 10.00 27.96
C ALA A 174 7.27 9.84 27.79
N ARG A 175 6.55 10.93 27.48
CA ARG A 175 5.08 10.80 27.27
C ARG A 175 4.78 9.98 26.02
N LEU A 176 5.67 9.97 25.02
CA LEU A 176 5.43 9.17 23.81
C LEU A 176 5.53 7.67 24.08
N VAL A 177 6.45 7.26 24.95
CA VAL A 177 6.59 5.86 25.31
C VAL A 177 5.37 5.34 26.13
N ILE A 178 5.05 6.02 27.22
CA ILE A 178 3.94 5.63 28.07
C ILE A 178 2.53 5.59 27.34
N ASP A 179 2.30 6.45 26.33
CA ASP A 179 1.00 6.39 25.59
C ASP A 179 0.96 5.27 24.57
N ASN A 180 2.13 4.72 24.23
CA ASN A 180 2.13 3.55 23.36
C ASN A 180 1.86 2.39 24.31
N ILE A 181 2.50 2.42 25.49
CA ILE A 181 2.34 1.36 26.51
C ILE A 181 0.86 1.20 26.93
N LYS A 182 0.22 2.30 27.28
CA LYS A 182 -1.20 2.29 27.66
C LYS A 182 -2.14 1.73 26.58
N LYS A 183 -1.78 1.91 25.31
CA LYS A 183 -2.58 1.41 24.21
C LYS A 183 -2.47 -0.10 24.09
N ALA A 184 -1.27 -0.61 24.35
CA ALA A 184 -1.01 -2.03 24.28
C ALA A 184 -1.73 -2.79 25.42
N ALA A 185 -1.78 -2.17 26.59
CA ALA A 185 -2.44 -2.74 27.76
C ALA A 185 -3.97 -2.82 27.51
N GLU A 186 -4.51 -1.78 26.89
CA GLU A 186 -5.92 -1.73 26.55
C GLU A 186 -6.22 -2.85 25.55
N ASP A 187 -5.28 -3.18 24.69
CA ASP A 187 -5.55 -4.23 23.72
C ASP A 187 -5.17 -5.59 24.23
N GLY A 188 -5.03 -5.71 25.53
CA GLY A 188 -4.70 -7.01 26.10
C GLY A 188 -3.29 -7.47 26.46
N ALA A 189 -2.25 -6.71 26.14
CA ALA A 189 -0.86 -7.13 26.46
C ALA A 189 -0.53 -7.19 27.98
N TYR A 190 0.34 -8.11 28.37
CA TYR A 190 0.76 -8.21 29.78
C TYR A 190 2.08 -7.43 29.93
N LEU A 191 2.02 -6.25 30.54
CA LEU A 191 3.19 -5.37 30.66
C LEU A 191 3.69 -5.22 32.09
N VAL A 192 4.94 -5.62 32.32
CA VAL A 192 5.47 -5.57 33.68
C VAL A 192 6.76 -4.77 33.85
N SER A 193 6.70 -3.74 34.68
CA SER A 193 7.89 -2.91 34.92
C SER A 193 8.56 -3.39 36.20
N LYS A 194 9.78 -2.89 36.47
CA LYS A 194 10.58 -3.34 37.62
C LYS A 194 10.74 -4.85 37.64
N MET A 195 10.95 -5.46 36.46
CA MET A 195 11.19 -6.91 36.33
C MET A 195 12.39 -7.16 35.36
N LYS A 196 13.46 -7.76 35.87
CA LYS A 196 14.68 -7.96 35.07
C LYS A 196 14.93 -9.37 34.52
N ALA A 197 15.28 -9.48 33.24
CA ALA A 197 15.60 -10.79 32.71
C ALA A 197 17.00 -11.09 33.26
N VAL A 198 17.15 -12.26 33.88
CA VAL A 198 18.44 -12.61 34.44
C VAL A 198 18.96 -13.90 33.86
N GLY A 199 18.15 -14.56 33.04
CA GLY A 199 18.56 -15.81 32.42
C GLY A 199 17.61 -16.37 31.39
N PHE A 200 18.14 -17.33 30.61
CA PHE A 200 17.35 -17.99 29.58
C PHE A 200 16.94 -19.44 29.96
N LEU A 201 15.84 -19.92 29.40
CA LEU A 201 15.40 -21.30 29.64
C LEU A 201 15.69 -21.98 28.30
N TYR A 202 15.96 -23.29 28.32
CA TYR A 202 16.30 -24.03 27.09
C TYR A 202 15.73 -25.42 26.93
N GLU A 203 15.76 -25.93 25.70
CA GLU A 203 15.38 -27.30 25.40
C GLU A 203 16.25 -27.64 24.22
N GLY A 204 17.50 -27.98 24.53
CA GLY A 204 18.50 -28.29 23.52
C GLY A 204 19.36 -27.05 23.52
N ASP A 205 19.63 -26.49 22.33
CA ASP A 205 20.42 -25.26 22.25
C ASP A 205 19.46 -24.09 21.92
N GLN A 206 18.16 -24.36 21.99
CA GLN A 206 17.11 -23.40 21.66
C GLN A 206 16.39 -22.64 22.79
N ILE A 207 16.57 -21.33 22.88
CA ILE A 207 15.87 -20.54 23.90
C ILE A 207 14.37 -20.79 23.74
N VAL A 208 13.67 -21.01 24.86
CA VAL A 208 12.23 -21.25 24.84
C VAL A 208 11.57 -20.49 25.98
N GLY A 209 12.33 -19.60 26.62
CA GLY A 209 11.75 -18.84 27.72
C GLY A 209 12.79 -18.03 28.46
N VAL A 210 12.34 -17.29 29.46
CA VAL A 210 13.24 -16.44 30.22
C VAL A 210 12.99 -16.58 31.72
N LYS A 211 14.06 -16.45 32.50
CA LYS A 211 13.94 -16.43 33.95
C LYS A 211 13.95 -14.92 34.28
N ALA A 212 12.92 -14.45 34.98
CA ALA A 212 12.80 -13.05 35.33
C ALA A 212 12.73 -12.81 36.84
N ARG A 213 13.41 -11.76 37.32
CA ARG A 213 13.41 -11.41 38.74
C ARG A 213 12.54 -10.16 39.02
N ASP A 214 11.58 -10.30 39.93
CA ASP A 214 10.70 -9.22 40.35
C ASP A 214 11.53 -8.35 41.29
N LEU A 215 11.96 -7.17 40.84
CA LEU A 215 12.80 -6.30 41.68
C LEU A 215 12.14 -5.75 42.94
N LEU A 216 10.83 -5.89 43.04
CA LEU A 216 10.12 -5.40 44.21
C LEU A 216 9.99 -6.44 45.33
N THR A 217 10.12 -7.74 45.01
CA THR A 217 9.99 -8.81 46.02
C THR A 217 11.04 -9.93 45.97
N ASP A 218 12.16 -9.75 45.26
CA ASP A 218 13.18 -10.81 45.21
C ASP A 218 12.72 -12.18 44.69
N GLU A 219 11.53 -12.26 44.10
CA GLU A 219 11.02 -13.52 43.59
C GLU A 219 11.52 -13.78 42.16
N VAL A 220 11.69 -15.05 41.79
CA VAL A 220 12.20 -15.38 40.47
C VAL A 220 11.18 -16.30 39.76
N ILE A 221 10.81 -15.96 38.54
CA ILE A 221 9.83 -16.76 37.85
C ILE A 221 10.29 -17.20 36.49
N GLU A 222 9.49 -18.07 35.87
CA GLU A 222 9.78 -18.60 34.54
C GLU A 222 8.65 -18.20 33.60
N ILE A 223 9.02 -17.70 32.43
CA ILE A 223 8.05 -17.31 31.43
C ILE A 223 8.32 -18.12 30.17
N LYS A 224 7.34 -18.91 29.74
CA LYS A 224 7.45 -19.71 28.52
C LYS A 224 6.88 -18.90 27.35
N ALA A 225 7.61 -18.88 26.24
CA ALA A 225 7.10 -18.14 25.08
C ALA A 225 7.61 -18.75 23.79
N LYS A 226 6.81 -18.65 22.73
CA LYS A 226 7.18 -19.19 21.42
C LYS A 226 8.30 -18.40 20.74
N LEU A 227 8.36 -17.09 20.95
CA LEU A 227 9.42 -16.25 20.39
C LEU A 227 9.78 -15.19 21.42
N VAL A 228 11.06 -14.86 21.49
CA VAL A 228 11.54 -13.83 22.39
C VAL A 228 12.28 -12.74 21.60
N ILE A 229 11.89 -11.48 21.77
CA ILE A 229 12.59 -10.40 21.07
C ILE A 229 13.27 -9.41 22.05
N ASN A 230 14.55 -9.16 21.79
CA ASN A 230 15.38 -8.27 22.60
C ASN A 230 15.37 -6.84 22.03
N THR A 231 14.88 -5.89 22.82
CA THR A 231 14.79 -4.47 22.42
C THR A 231 15.25 -3.63 23.61
N SER A 232 16.44 -3.96 24.11
CA SER A 232 17.02 -3.31 25.27
C SER A 232 17.91 -2.05 25.08
N GLY A 233 17.82 -1.44 23.89
CA GLY A 233 18.59 -0.23 23.58
C GLY A 233 20.11 -0.37 23.74
N PRO A 234 20.77 0.52 24.50
CA PRO A 234 22.24 0.36 24.64
C PRO A 234 22.68 -0.91 25.37
N TRP A 235 21.75 -1.56 26.08
CA TRP A 235 22.02 -2.82 26.78
C TRP A 235 21.85 -4.03 25.81
N VAL A 236 21.76 -3.81 24.50
CA VAL A 236 21.57 -4.98 23.64
C VAL A 236 22.62 -6.11 23.75
N ASP A 237 23.90 -5.78 23.90
CA ASP A 237 24.92 -6.81 24.03
C ASP A 237 24.82 -7.52 25.38
N LYS A 238 24.61 -6.77 26.47
CA LYS A 238 24.50 -7.37 27.79
C LYS A 238 23.37 -8.41 27.93
N VAL A 239 22.26 -8.20 27.22
CA VAL A 239 21.14 -9.14 27.27
C VAL A 239 21.46 -10.39 26.45
N ARG A 240 22.05 -10.19 25.27
CA ARG A 240 22.47 -11.27 24.39
C ARG A 240 23.43 -12.19 25.14
N ASN A 241 24.18 -11.60 26.07
CA ASN A 241 25.15 -12.35 26.85
C ASN A 241 24.57 -13.14 28.03
N LEU A 242 23.25 -13.18 28.15
CA LEU A 242 22.64 -13.96 29.22
C LEU A 242 22.74 -15.44 28.86
N ASN A 243 23.09 -15.70 27.60
CA ASN A 243 23.33 -17.06 27.14
C ASN A 243 24.83 -17.23 27.44
N PHE A 244 25.16 -17.97 28.49
CA PHE A 244 26.57 -18.15 28.82
C PHE A 244 27.15 -19.36 28.13
N THR A 245 26.28 -20.11 27.45
CA THR A 245 26.66 -21.31 26.72
C THR A 245 27.31 -20.93 25.39
N ARG A 246 27.32 -19.64 25.09
CA ARG A 246 27.95 -19.19 23.86
C ARG A 246 28.43 -17.74 23.90
N PRO A 247 29.75 -17.52 24.02
CA PRO A 247 30.22 -16.13 24.05
C PRO A 247 29.88 -15.58 22.66
N VAL A 248 29.73 -14.26 22.55
CA VAL A 248 29.36 -13.66 21.28
C VAL A 248 29.93 -12.29 21.02
N SER A 249 30.10 -11.99 19.74
CA SER A 249 30.66 -10.72 19.29
C SER A 249 29.73 -9.53 19.57
N PRO A 250 30.29 -8.47 20.15
CA PRO A 250 29.52 -7.26 20.47
C PRO A 250 29.11 -6.50 19.23
N LYS A 251 27.90 -5.94 19.26
CA LYS A 251 27.37 -5.15 18.15
C LYS A 251 27.41 -3.65 18.46
N MET A 252 27.21 -3.29 19.72
CA MET A 252 27.12 -1.90 20.17
C MET A 252 28.38 -1.16 20.63
N ARG A 253 28.31 0.17 20.57
CA ARG A 253 29.35 1.08 21.02
C ARG A 253 28.77 2.48 21.30
N PRO A 254 28.08 2.62 22.45
CA PRO A 254 27.41 3.82 22.98
C PRO A 254 28.23 5.06 23.33
N THR A 255 27.70 6.23 22.96
CA THR A 255 28.36 7.50 23.28
C THR A 255 27.43 8.27 24.23
N LYS A 256 27.95 9.21 25.01
CA LYS A 256 27.16 9.95 25.96
C LYS A 256 26.86 11.34 25.43
N GLY A 257 25.73 11.91 25.86
CA GLY A 257 25.33 13.27 25.51
C GLY A 257 24.60 13.93 26.69
N ILE A 258 24.83 15.22 26.94
CA ILE A 258 24.15 15.91 28.03
C ILE A 258 23.29 17.12 27.57
N HIS A 259 22.48 17.65 28.48
CA HIS A 259 21.64 18.83 28.22
C HIS A 259 21.56 19.68 29.49
N LEU A 260 21.66 21.00 29.36
CA LEU A 260 21.58 21.86 30.56
C LEU A 260 20.31 22.79 30.55
N VAL A 261 19.77 23.12 31.73
CA VAL A 261 18.58 24.00 31.85
C VAL A 261 18.81 25.28 32.71
N VAL A 262 18.48 26.46 32.17
CA VAL A 262 18.59 27.68 32.98
C VAL A 262 17.22 28.34 32.92
N ASP A 263 16.95 29.27 33.84
CA ASP A 263 15.70 30.00 33.84
C ASP A 263 15.68 30.93 32.64
N ALA A 264 14.54 31.06 31.96
CA ALA A 264 14.45 31.87 30.74
C ALA A 264 14.85 33.33 30.82
N LYS A 265 14.71 33.95 31.99
CA LYS A 265 15.07 35.34 32.09
C LYS A 265 16.55 35.48 31.80
N LYS A 266 17.32 34.42 32.06
CA LYS A 266 18.76 34.43 31.80
C LYS A 266 19.18 34.21 30.33
N LEU A 267 18.34 33.55 29.54
CA LEU A 267 18.60 33.32 28.09
C LEU A 267 17.24 33.31 27.43
N PRO A 268 16.58 34.47 27.33
CA PRO A 268 15.25 34.53 26.72
C PRO A 268 15.18 34.19 25.25
N VAL A 269 14.87 32.96 24.89
CA VAL A 269 14.75 32.69 23.47
C VAL A 269 13.28 32.43 23.17
N PRO A 270 12.70 33.19 22.25
CA PRO A 270 11.27 32.99 21.92
C PRO A 270 10.96 31.75 21.13
N GLN A 271 11.93 31.19 20.43
CA GLN A 271 11.66 29.99 19.66
C GLN A 271 12.96 29.18 19.54
N PRO A 272 12.86 27.94 19.08
CA PRO A 272 14.09 27.14 18.95
C PRO A 272 15.13 27.85 18.05
N THR A 273 16.42 27.77 18.43
CA THR A 273 17.51 28.40 17.70
C THR A 273 18.66 27.43 17.48
N TYR A 274 19.20 27.43 16.27
CA TYR A 274 20.23 26.46 15.90
C TYR A 274 21.52 27.17 15.42
N PHE A 275 22.70 26.80 15.91
CA PHE A 275 23.93 27.49 15.49
C PHE A 275 25.20 26.70 15.63
N ASP A 276 26.25 27.20 15.01
CA ASP A 276 27.60 26.59 15.05
C ASP A 276 28.23 26.75 16.42
N THR A 277 29.05 25.77 16.82
CA THR A 277 29.69 25.82 18.14
C THR A 277 30.73 26.92 18.28
N GLY A 278 31.32 27.32 17.18
CA GLY A 278 32.37 28.33 17.24
C GLY A 278 33.73 27.74 17.63
N LYS A 279 33.78 26.42 17.80
CA LYS A 279 35.00 25.70 18.16
C LYS A 279 35.49 24.97 16.91
N GLN A 280 35.03 25.43 15.76
CA GLN A 280 35.36 24.82 14.47
C GLN A 280 35.55 23.30 14.52
N ASP A 281 34.61 22.61 15.17
CA ASP A 281 34.68 21.16 15.25
C ASP A 281 33.63 20.48 14.33
N GLY A 282 32.93 21.27 13.52
CA GLY A 282 31.90 20.71 12.65
C GLY A 282 30.56 20.38 13.31
N ARG A 283 30.39 20.74 14.57
CA ARG A 283 29.16 20.46 15.31
C ARG A 283 28.19 21.67 15.46
N MET A 284 26.95 21.39 15.87
CA MET A 284 25.96 22.46 16.07
C MET A 284 25.25 22.28 17.40
N VAL A 285 24.91 23.38 18.05
CA VAL A 285 24.19 23.33 19.32
C VAL A 285 22.84 24.05 19.22
N PHE A 286 21.86 23.56 19.99
CA PHE A 286 20.49 24.13 20.03
C PHE A 286 20.23 24.95 21.29
N ALA A 287 19.36 25.95 21.20
CA ALA A 287 18.92 26.73 22.37
C ALA A 287 17.36 26.71 22.23
N ILE A 288 16.72 25.95 23.13
CA ILE A 288 15.27 25.72 23.13
C ILE A 288 14.46 26.13 24.36
N PRO A 289 13.30 26.77 24.12
CA PRO A 289 12.37 27.23 25.17
C PRO A 289 11.42 26.06 25.51
N ARG A 290 11.06 25.89 26.79
CA ARG A 290 10.16 24.80 27.25
C ARG A 290 9.62 25.29 28.60
N GLU A 291 8.29 25.41 28.71
CA GLU A 291 7.65 25.95 29.92
C GLU A 291 8.28 27.33 30.11
N ASN A 292 8.63 27.72 31.34
CA ASN A 292 9.27 29.02 31.45
C ASN A 292 10.82 28.92 31.53
N LYS A 293 11.42 27.97 30.82
CA LYS A 293 12.90 27.83 30.84
C LYS A 293 13.50 27.71 29.44
N THR A 294 14.81 27.62 29.40
CA THR A 294 15.55 27.42 28.17
C THR A 294 16.57 26.34 28.49
N TYR A 295 16.62 25.31 27.66
CA TYR A 295 17.59 24.24 27.81
C TYR A 295 18.45 24.22 26.57
N PHE A 296 19.69 23.76 26.73
CA PHE A 296 20.57 23.68 25.60
C PHE A 296 21.49 22.45 25.62
N GLY A 297 21.84 21.89 24.46
CA GLY A 297 22.94 20.96 24.38
C GLY A 297 23.21 20.57 22.93
N THR A 298 24.10 19.67 22.58
CA THR A 298 24.47 18.53 23.36
C THR A 298 25.96 18.31 23.13
N THR A 299 26.45 17.25 23.71
CA THR A 299 27.83 16.83 23.68
C THR A 299 27.96 15.46 23.07
N ASP A 300 29.17 14.93 22.89
CA ASP A 300 29.35 13.62 22.29
C ASP A 300 30.70 13.05 22.70
N THR A 301 30.70 12.15 23.67
CA THR A 301 31.95 11.55 24.15
C THR A 301 31.84 10.04 24.34
N ASP A 302 32.97 9.33 24.09
CA ASP A 302 33.05 7.88 24.26
C ASP A 302 32.80 7.57 25.73
N TYR A 303 32.24 6.39 26.01
CA TYR A 303 31.87 6.09 27.39
C TYR A 303 32.06 4.67 27.87
N GLN A 304 32.25 4.55 29.19
CA GLN A 304 32.37 3.26 29.86
C GLN A 304 31.89 3.55 31.27
N GLY A 305 31.31 2.57 31.92
CA GLY A 305 30.83 2.84 33.25
C GLY A 305 29.45 2.26 33.40
N ASP A 306 28.74 2.67 34.46
CA ASP A 306 27.40 2.16 34.69
C ASP A 306 26.39 2.69 33.66
N PHE A 307 25.55 1.80 33.14
CA PHE A 307 24.58 2.19 32.15
C PHE A 307 23.30 2.80 32.69
N THR A 308 22.94 2.48 33.93
CA THR A 308 21.69 3.00 34.49
C THR A 308 21.66 4.43 35.04
N ASP A 309 22.82 4.99 35.42
CA ASP A 309 22.82 6.38 35.93
C ASP A 309 24.00 7.25 35.45
N PRO A 310 24.20 7.36 34.12
CA PRO A 310 25.30 8.17 33.56
C PRO A 310 25.37 9.58 34.14
N LYS A 311 26.56 10.07 34.46
CA LYS A 311 26.68 11.41 35.07
C LYS A 311 27.25 12.50 34.20
N VAL A 312 26.92 13.75 34.53
CA VAL A 312 27.43 14.94 33.88
C VAL A 312 28.83 15.25 34.52
N THR A 313 29.85 15.50 33.68
CA THR A 313 31.20 15.85 34.16
C THR A 313 31.44 17.34 33.95
N GLN A 314 32.35 17.92 34.71
CA GLN A 314 32.65 19.34 34.61
C GLN A 314 33.13 19.67 33.19
N GLU A 315 33.66 18.66 32.53
CA GLU A 315 34.14 18.84 31.18
C GLU A 315 32.96 18.99 30.20
N ASP A 316 31.87 18.26 30.42
CA ASP A 316 30.69 18.39 29.57
C ASP A 316 30.15 19.82 29.73
N VAL A 317 30.06 20.28 30.96
CA VAL A 317 29.55 21.63 31.24
C VAL A 317 30.36 22.77 30.64
N ASP A 318 31.68 22.69 30.66
CA ASP A 318 32.47 23.80 30.11
C ASP A 318 32.36 23.86 28.62
N TYR A 319 32.29 22.70 27.94
CA TYR A 319 32.13 22.71 26.50
C TYR A 319 30.83 23.52 26.16
N LEU A 320 29.69 23.15 26.76
CA LEU A 320 28.40 23.85 26.49
C LEU A 320 28.36 25.33 26.89
N LEU A 321 28.93 25.69 28.03
CA LEU A 321 28.92 27.09 28.42
C LEU A 321 29.82 27.95 27.53
N ASP A 322 30.83 27.37 26.90
CA ASP A 322 31.72 28.15 26.00
C ASP A 322 30.91 28.48 24.73
N VAL A 323 30.04 27.56 24.33
CA VAL A 323 29.21 27.78 23.15
C VAL A 323 28.16 28.87 23.42
N ILE A 324 27.47 28.79 24.55
CA ILE A 324 26.43 29.77 24.82
C ILE A 324 26.97 31.18 25.09
N ASN A 325 28.16 31.28 25.67
CA ASN A 325 28.72 32.58 26.02
C ASN A 325 29.31 33.34 24.83
N HIS A 326 29.61 32.57 23.79
CA HIS A 326 30.11 33.06 22.52
C HIS A 326 28.91 33.48 21.66
N ARG A 327 27.86 32.67 21.66
CA ARG A 327 26.67 33.01 20.85
C ARG A 327 25.80 34.19 21.39
N TYR A 328 25.75 34.35 22.72
CA TYR A 328 24.99 35.44 23.36
C TYR A 328 25.98 36.09 24.36
N PRO A 329 26.54 37.31 23.97
CA PRO A 329 27.84 37.78 24.57
C PRO A 329 27.56 38.52 25.87
N GLU A 330 26.32 38.91 26.11
CA GLU A 330 26.07 39.68 27.32
C GLU A 330 25.43 38.90 28.44
N ALA A 331 24.98 37.67 28.14
CA ALA A 331 24.34 36.81 29.15
C ALA A 331 25.22 36.31 30.31
N ASN A 332 26.51 36.08 30.07
CA ASN A 332 27.45 35.61 31.09
C ASN A 332 26.98 34.42 31.95
N ILE A 333 26.68 33.27 31.33
CA ILE A 333 26.20 32.09 32.09
C ILE A 333 27.34 31.23 32.70
N THR A 334 27.21 30.80 33.96
CA THR A 334 28.21 29.94 34.59
C THR A 334 27.53 28.75 35.30
N LEU A 335 28.30 27.84 35.89
CA LEU A 335 27.70 26.68 36.56
C LEU A 335 26.60 27.05 37.62
N ALA A 336 26.83 28.14 38.33
CA ALA A 336 25.86 28.57 39.34
C ALA A 336 24.47 28.88 38.78
N ASP A 337 24.34 29.10 37.47
CA ASP A 337 23.03 29.40 36.90
C ASP A 337 22.23 28.14 36.47
N ILE A 338 22.85 26.98 36.51
CA ILE A 338 22.15 25.79 36.06
C ILE A 338 21.26 25.14 37.10
N GLU A 339 19.97 25.02 36.78
CA GLU A 339 19.07 24.42 37.73
C GLU A 339 18.67 22.97 37.46
N ALA A 340 18.88 22.43 36.27
CA ALA A 340 18.52 21.01 36.05
C ALA A 340 19.33 20.50 34.88
N SER A 341 19.32 19.19 34.67
CA SER A 341 20.13 18.67 33.59
C SER A 341 19.86 17.20 33.43
N TRP A 342 20.32 16.62 32.32
CA TRP A 342 20.20 15.17 32.10
C TRP A 342 21.30 14.64 31.15
N ALA A 343 21.52 13.33 31.17
CA ALA A 343 22.52 12.66 30.35
C ALA A 343 22.01 11.28 29.90
N GLY A 344 22.37 10.88 28.68
CA GLY A 344 21.94 9.58 28.18
C GLY A 344 22.97 8.93 27.24
N LEU A 345 22.74 7.66 26.90
CA LEU A 345 23.65 6.94 26.04
C LEU A 345 23.00 6.56 24.71
N ARG A 346 23.62 6.99 23.59
CA ARG A 346 23.13 6.67 22.25
C ARG A 346 23.35 5.19 21.92
N PRO A 347 22.29 4.50 21.48
CA PRO A 347 22.48 3.07 21.15
C PRO A 347 23.06 2.93 19.73
N LEU A 348 24.37 3.14 19.56
CA LEU A 348 24.99 3.07 18.23
C LEU A 348 25.54 1.70 17.85
N LEU A 349 25.43 1.33 16.59
CA LEU A 349 25.96 0.07 16.09
C LEU A 349 27.43 0.35 15.78
N ILE A 350 28.34 -0.55 16.17
CA ILE A 350 29.76 -0.35 15.90
C ILE A 350 29.92 0.19 14.48
N GLY A 351 30.48 1.40 14.37
CA GLY A 351 30.64 2.03 13.08
C GLY A 351 29.80 3.28 12.84
N ASN A 352 28.85 3.58 13.73
CA ASN A 352 27.99 4.76 13.55
C ASN A 352 28.26 5.89 14.56
N SER A 353 27.65 7.05 14.31
CA SER A 353 27.85 8.23 15.18
C SER A 353 26.63 9.08 15.50
N GLY A 354 26.75 9.86 16.57
CA GLY A 354 25.68 10.75 16.97
C GLY A 354 25.52 11.79 15.88
N SER A 355 26.59 11.99 15.12
CA SER A 355 26.56 12.94 14.02
C SER A 355 25.60 12.52 12.92
N ASP A 356 25.57 11.23 12.60
CA ASP A 356 24.66 10.77 11.54
C ASP A 356 23.19 11.05 11.83
N TYR A 357 22.84 11.44 13.06
CA TYR A 357 21.43 11.70 13.37
C TYR A 357 20.86 12.84 12.54
N ASN A 358 21.47 14.02 12.64
CA ASN A 358 21.02 15.22 11.92
C ASN A 358 21.89 15.67 10.74
N GLY A 359 22.72 14.78 10.21
CA GLY A 359 23.57 15.15 9.11
C GLY A 359 24.78 15.87 9.63
N GLY A 360 25.16 15.53 10.85
CA GLY A 360 26.32 16.13 11.48
C GLY A 360 27.53 15.86 10.61
N THR A 408 17.23 -0.88 4.65
CA THR A 408 16.64 -2.22 4.89
C THR A 408 15.42 -2.18 5.81
N ILE A 409 15.60 -1.65 7.02
CA ILE A 409 14.51 -1.51 7.98
C ILE A 409 14.36 -0.01 8.26
N SER A 410 15.50 0.63 8.51
CA SER A 410 15.59 2.08 8.74
C SER A 410 17.05 2.40 8.96
N ARG A 411 17.42 3.65 8.77
CA ARG A 411 18.81 4.08 8.90
C ARG A 411 19.44 3.77 10.25
N GLY A 412 20.59 3.09 10.23
CA GLY A 412 21.27 2.78 11.47
C GLY A 412 20.66 1.75 12.42
N SER A 413 19.76 0.90 11.97
CA SER A 413 19.21 -0.12 12.87
C SER A 413 19.34 -1.49 12.21
N SER A 414 19.03 -2.57 12.95
CA SER A 414 19.13 -3.89 12.38
C SER A 414 18.19 -4.87 13.09
N LEU A 415 17.68 -5.84 12.32
CA LEU A 415 16.76 -6.89 12.80
C LEU A 415 17.44 -8.20 12.52
N GLU A 416 17.69 -8.99 13.55
CA GLU A 416 18.48 -10.18 13.35
C GLU A 416 18.13 -11.32 14.31
N ARG A 417 18.23 -12.56 13.86
CA ARG A 417 17.95 -13.70 14.73
C ARG A 417 19.25 -14.47 14.98
N GLU A 418 19.46 -14.88 16.23
CA GLU A 418 20.68 -15.59 16.62
C GLU A 418 20.56 -17.10 16.41
N PRO A 419 21.68 -17.83 16.57
CA PRO A 419 21.67 -19.29 16.39
C PRO A 419 20.70 -19.97 17.38
N ASP A 420 20.56 -19.40 18.58
CA ASP A 420 19.69 -19.96 19.61
C ASP A 420 18.21 -19.55 19.50
N GLY A 421 17.83 -18.84 18.44
CA GLY A 421 16.44 -18.43 18.29
C GLY A 421 16.09 -17.02 18.75
N LEU A 422 16.97 -16.36 19.50
CA LEU A 422 16.68 -15.00 19.97
C LEU A 422 16.69 -13.91 18.90
N LEU A 423 15.61 -13.14 18.81
CA LEU A 423 15.54 -12.01 17.87
C LEU A 423 16.02 -10.72 18.56
N THR A 424 16.78 -9.90 17.84
CA THR A 424 17.28 -8.62 18.35
C THR A 424 17.00 -7.46 17.37
N LEU A 425 16.52 -6.34 17.91
CA LEU A 425 16.24 -5.14 17.11
C LEU A 425 17.07 -4.01 17.71
N SER A 426 18.15 -3.62 17.04
CA SER A 426 19.07 -2.61 17.56
C SER A 426 19.35 -1.36 16.70
N GLY A 427 19.85 -0.30 17.33
CA GLY A 427 20.15 0.96 16.66
C GLY A 427 18.89 1.82 16.44
N GLY A 428 18.82 2.48 15.30
CA GLY A 428 17.68 3.30 15.00
C GLY A 428 17.76 4.57 15.80
N LYS A 429 16.66 5.31 15.78
CA LYS A 429 16.52 6.57 16.49
C LYS A 429 15.03 6.64 16.84
N ILE A 430 14.70 7.44 17.86
CA ILE A 430 13.33 7.55 18.33
C ILE A 430 12.31 7.91 17.24
N THR A 431 12.65 8.84 16.36
CA THR A 431 11.74 9.22 15.31
C THR A 431 11.36 8.08 14.33
N ASP A 432 12.11 6.99 14.33
CA ASP A 432 11.82 5.83 13.46
C ASP A 432 11.30 4.62 14.21
N TYR A 433 10.91 4.83 15.46
CA TYR A 433 10.39 3.73 16.26
C TYR A 433 9.25 2.93 15.56
N ARG A 434 8.20 3.59 15.05
CA ARG A 434 7.08 2.90 14.43
C ARG A 434 7.51 2.15 13.14
N LYS A 435 8.38 2.78 12.39
CA LYS A 435 8.92 2.11 11.20
C LYS A 435 9.76 0.86 11.60
N MET A 436 10.45 0.90 12.75
CA MET A 436 11.26 -0.25 13.22
C MET A 436 10.36 -1.39 13.70
N ALA A 437 9.27 -1.03 14.36
CA ALA A 437 8.37 -2.07 14.85
C ALA A 437 7.71 -2.78 13.65
N GLU A 438 7.46 -2.04 12.58
CA GLU A 438 6.80 -2.64 11.40
C GLU A 438 7.68 -3.76 10.80
N GLY A 439 8.95 -3.48 10.56
CA GLY A 439 9.82 -4.51 10.05
C GLY A 439 9.88 -5.72 10.99
N ALA A 440 9.89 -5.48 12.29
CA ALA A 440 9.92 -6.59 13.23
C ALA A 440 8.62 -7.45 13.17
N LEU A 441 7.44 -6.82 13.14
CA LEU A 441 6.18 -7.55 13.05
C LEU A 441 6.11 -8.40 11.76
N ARG A 442 6.76 -7.91 10.71
CA ARG A 442 6.81 -8.59 9.41
C ARG A 442 7.47 -9.94 9.65
N LEU A 443 8.65 -9.93 10.26
CA LEU A 443 9.34 -11.19 10.53
C LEU A 443 8.60 -12.05 11.59
N ILE A 444 7.99 -11.41 12.59
CA ILE A 444 7.30 -12.19 13.63
C ILE A 444 6.11 -13.03 13.11
N ARG A 445 5.24 -12.45 12.28
CA ARG A 445 4.10 -13.19 11.71
C ARG A 445 4.62 -14.33 10.83
N GLN A 446 5.62 -14.04 10.02
CA GLN A 446 6.18 -15.08 9.16
C GLN A 446 6.79 -16.26 9.94
N LEU A 447 7.25 -16.03 11.17
CA LEU A 447 7.84 -17.11 11.95
C LEU A 447 6.79 -17.89 12.72
N LEU A 448 5.71 -17.21 13.11
CA LEU A 448 4.66 -17.86 13.85
C LEU A 448 3.87 -18.78 12.93
N LYS A 449 3.69 -18.40 11.67
CA LYS A 449 2.94 -19.23 10.72
C LYS A 449 3.75 -20.46 10.34
N GLU A 450 4.92 -20.23 9.77
CA GLU A 450 5.82 -21.30 9.37
C GLU A 450 6.10 -22.34 10.46
N GLU A 451 6.60 -21.89 11.60
CA GLU A 451 6.94 -22.79 12.69
C GLU A 451 5.83 -23.34 13.58
N TYR A 452 4.64 -22.76 13.56
CA TYR A 452 3.59 -23.30 14.42
C TYR A 452 2.20 -23.25 13.79
N GLY A 453 2.11 -22.73 12.58
CA GLY A 453 0.81 -22.64 11.95
C GLY A 453 -0.07 -21.81 12.87
N ILE A 454 0.02 -20.49 12.70
CA ILE A 454 -0.77 -19.54 13.46
C ILE A 454 -0.99 -18.33 12.56
N GLU A 455 -2.25 -18.04 12.23
CA GLU A 455 -2.58 -16.90 11.37
C GLU A 455 -2.79 -15.67 12.25
N THR A 456 -2.42 -14.50 11.74
CA THR A 456 -2.59 -13.24 12.48
C THR A 456 -3.12 -12.11 11.62
N LYS A 457 -3.94 -11.25 12.24
CA LYS A 457 -4.56 -10.09 11.60
C LYS A 457 -3.52 -9.02 11.24
N GLU A 458 -3.55 -8.50 10.01
CA GLU A 458 -2.61 -7.46 9.57
C GLU A 458 -3.19 -6.05 9.70
N ILE A 459 -2.65 -5.26 10.63
CA ILE A 459 -3.11 -3.88 10.90
C ILE A 459 -2.29 -2.80 10.17
N ASP A 460 -2.82 -1.59 10.04
CA ASP A 460 -2.03 -0.51 9.43
C ASP A 460 -1.56 0.38 10.58
N SER A 461 -0.28 0.23 10.93
CA SER A 461 0.31 0.97 12.04
C SER A 461 0.39 2.46 11.75
N LYS A 462 0.37 2.80 10.46
CA LYS A 462 0.41 4.21 10.09
C LYS A 462 -0.88 4.91 10.44
N LYS A 463 -1.89 4.16 10.87
CA LYS A 463 -3.16 4.81 11.19
C LYS A 463 -3.77 4.44 12.51
N TYR A 464 -3.08 3.58 13.25
CA TYR A 464 -3.54 3.11 14.55
C TYR A 464 -3.16 4.15 15.63
N GLN A 465 -4.11 5.03 15.98
CA GLN A 465 -3.83 6.07 16.96
C GLN A 465 -3.59 5.51 18.37
N ILE A 466 -2.59 6.05 19.06
CA ILE A 466 -2.23 5.53 20.39
C ILE A 466 -3.03 6.23 21.45
N SER A 467 -2.81 5.86 22.71
CA SER A 467 -3.54 6.44 23.83
C SER A 467 -3.60 7.97 23.95
N GLY A 468 -4.83 8.48 24.04
CA GLY A 468 -5.11 9.90 24.17
C GLY A 468 -5.09 10.61 22.82
N GLY A 469 -4.80 9.87 21.76
CA GLY A 469 -4.70 10.55 20.49
C GLY A 469 -5.80 10.29 19.47
N ASN A 470 -6.94 9.81 19.93
CA ASN A 470 -8.05 9.50 19.04
C ASN A 470 -8.90 10.74 18.69
N PHE A 471 -8.41 11.52 17.72
CA PHE A 471 -9.05 12.72 17.21
C PHE A 471 -8.37 13.21 15.91
N ASP A 472 -9.08 14.07 15.16
CA ASP A 472 -8.61 14.61 13.87
C ASP A 472 -7.28 15.36 14.07
N PRO A 473 -6.17 14.76 13.60
CA PRO A 473 -4.81 15.33 13.71
C PRO A 473 -4.60 16.76 13.20
N THR A 474 -5.50 17.21 12.32
CA THR A 474 -5.39 18.54 11.78
C THR A 474 -6.11 19.55 12.65
N LYS A 475 -6.73 19.08 13.72
CA LYS A 475 -7.48 20.00 14.56
C LYS A 475 -7.12 19.91 16.02
N LEU A 476 -5.85 20.19 16.34
CA LEU A 476 -5.37 20.13 17.71
C LEU A 476 -5.97 21.20 18.61
N GLU A 477 -5.92 22.44 18.15
CA GLU A 477 -6.43 23.59 18.91
C GLU A 477 -7.95 23.60 19.14
N GLU A 478 -8.71 23.13 18.14
CA GLU A 478 -10.16 23.06 18.24
C GLU A 478 -10.46 22.02 19.35
N THR A 479 -9.79 20.86 19.26
CA THR A 479 -9.96 19.78 20.22
C THR A 479 -9.54 20.22 21.63
N VAL A 480 -8.52 21.07 21.74
CA VAL A 480 -8.07 21.50 23.06
C VAL A 480 -9.02 22.54 23.64
N THR A 481 -9.57 23.39 22.77
CA THR A 481 -10.54 24.40 23.21
C THR A 481 -11.79 23.75 23.81
N GLU A 482 -12.30 22.72 23.15
CA GLU A 482 -13.46 22.01 23.66
C GLU A 482 -13.20 21.26 24.97
N LEU A 483 -12.19 20.39 25.00
CA LEU A 483 -11.84 19.65 26.23
C LEU A 483 -11.65 20.61 27.41
N ALA A 484 -11.08 21.78 27.17
CA ALA A 484 -10.86 22.71 28.26
C ALA A 484 -12.19 23.14 28.90
N LYS A 485 -13.25 23.22 28.10
CA LYS A 485 -14.55 23.57 28.66
C LYS A 485 -14.97 22.47 29.64
N GLU A 486 -14.90 21.21 29.21
CA GLU A 486 -15.25 20.10 30.09
C GLU A 486 -14.44 20.17 31.37
N GLY A 487 -13.23 20.74 31.28
CA GLY A 487 -12.36 20.84 32.44
C GLY A 487 -12.75 21.95 33.38
N VAL A 488 -13.20 23.07 32.82
CA VAL A 488 -13.64 24.22 33.61
C VAL A 488 -14.94 23.89 34.34
N ALA A 489 -15.81 23.14 33.68
CA ALA A 489 -17.07 22.76 34.28
C ALA A 489 -16.81 21.70 35.35
N ALA A 490 -15.54 21.41 35.62
CA ALA A 490 -15.20 20.40 36.62
C ALA A 490 -14.63 20.99 37.89
N GLY A 491 -14.39 22.29 37.87
CA GLY A 491 -13.85 22.93 39.06
C GLY A 491 -12.41 23.38 38.91
N LEU A 492 -11.78 23.11 37.78
CA LEU A 492 -10.39 23.54 37.59
C LEU A 492 -10.38 24.92 36.95
N GLU A 493 -9.26 25.63 37.09
CA GLU A 493 -9.08 26.96 36.51
C GLU A 493 -8.83 26.89 35.00
N GLU A 494 -8.91 28.04 34.32
CA GLU A 494 -8.72 28.13 32.86
C GLU A 494 -7.32 27.72 32.39
N GLU A 495 -6.30 28.21 33.07
CA GLU A 495 -4.90 27.88 32.74
C GLU A 495 -4.68 26.37 32.82
N ASP A 496 -5.06 25.76 33.94
CA ASP A 496 -4.89 24.31 34.16
C ASP A 496 -5.65 23.35 33.28
N ALA A 497 -6.88 23.69 32.90
CA ALA A 497 -7.66 22.80 32.04
C ALA A 497 -7.09 22.78 30.62
N THR A 498 -6.57 23.92 30.16
CA THR A 498 -6.03 23.98 28.82
C THR A 498 -4.75 23.16 28.78
N TYR A 499 -3.92 23.33 29.82
CA TYR A 499 -2.64 22.62 29.94
C TYR A 499 -2.83 21.12 29.88
N ILE A 500 -3.63 20.61 30.81
CA ILE A 500 -3.93 19.20 30.89
C ILE A 500 -4.53 18.66 29.62
N ALA A 501 -5.29 19.47 28.87
CA ALA A 501 -5.89 18.97 27.62
C ALA A 501 -4.84 18.88 26.53
N ASP A 502 -3.94 19.85 26.51
CA ASP A 502 -2.86 19.86 25.53
C ASP A 502 -1.84 18.74 25.81
N PHE A 503 -1.54 18.52 27.10
CA PHE A 503 -0.57 17.51 27.51
C PHE A 503 -1.09 16.07 27.48
N TYR A 504 -2.33 15.85 27.96
CA TYR A 504 -2.91 14.51 27.99
C TYR A 504 -3.79 14.15 26.80
N GLY A 505 -4.29 15.20 26.13
CA GLY A 505 -5.20 15.01 25.00
C GLY A 505 -6.52 14.46 25.51
N THR A 506 -7.04 13.47 24.80
CA THR A 506 -8.29 12.77 25.09
C THR A 506 -8.41 12.22 26.53
N ASN A 507 -7.29 11.73 27.07
CA ASN A 507 -7.22 11.19 28.42
C ASN A 507 -7.50 12.25 29.47
N ALA A 508 -7.60 13.50 29.04
CA ALA A 508 -7.91 14.58 29.97
C ALA A 508 -9.31 14.37 30.61
N ARG A 509 -10.21 13.68 29.89
CA ARG A 509 -11.56 13.39 30.41
C ARG A 509 -11.55 12.54 31.68
N ARG A 510 -10.71 11.50 31.72
CA ARG A 510 -10.60 10.69 32.92
C ARG A 510 -9.99 11.57 34.01
N ILE A 511 -9.08 12.46 33.64
CA ILE A 511 -8.46 13.29 34.67
C ILE A 511 -9.51 14.23 35.17
N PHE A 512 -10.34 14.72 34.25
CA PHE A 512 -11.42 15.63 34.61
C PHE A 512 -12.48 14.94 35.50
N GLU A 513 -12.85 13.70 35.19
CA GLU A 513 -13.80 12.95 36.02
C GLU A 513 -13.30 12.83 37.48
N LEU A 514 -12.11 12.24 37.67
CA LEU A 514 -11.57 12.08 39.03
C LEU A 514 -11.51 13.41 39.76
N ALA A 515 -11.29 14.49 39.02
CA ALA A 515 -11.20 15.83 39.62
C ALA A 515 -12.54 16.18 40.25
N LYS A 516 -13.61 15.88 39.51
CA LYS A 516 -14.98 16.15 39.92
C LYS A 516 -15.30 15.52 41.28
N GLU A 517 -14.85 14.29 41.49
CA GLU A 517 -15.07 13.55 42.74
C GLU A 517 -14.19 14.07 43.89
N ALA A 519 -11.78 15.52 46.11
CA ALA A 519 -11.06 14.71 47.12
C ALA A 519 -9.53 14.96 47.13
N PRO A 520 -9.11 16.24 47.16
CA PRO A 520 -7.70 16.66 47.18
C PRO A 520 -6.79 16.01 48.24
N TYR A 521 -5.64 15.45 47.82
CA TYR A 521 -4.69 14.85 48.76
C TYR A 521 -4.16 16.01 49.63
N PRO A 522 -3.70 15.72 50.85
CA PRO A 522 -3.18 16.77 51.74
C PRO A 522 -1.98 17.56 51.18
N GLY A 523 -2.14 18.88 51.07
CA GLY A 523 -1.07 19.72 50.57
C GLY A 523 -1.07 19.97 49.07
N LEU A 524 -1.95 19.30 48.32
CA LEU A 524 -1.98 19.49 46.86
C LEU A 524 -3.25 20.12 46.26
N SER A 525 -3.07 20.90 45.19
CA SER A 525 -4.20 21.54 44.52
C SER A 525 -5.10 20.46 43.92
N LEU A 526 -6.33 20.85 43.60
CA LEU A 526 -7.29 19.93 43.00
C LEU A 526 -6.71 19.38 41.69
N ALA A 527 -6.10 20.25 40.90
CA ALA A 527 -5.51 19.88 39.62
C ALA A 527 -4.35 18.88 39.72
N GLU A 528 -3.39 19.19 40.62
CA GLU A 528 -2.20 18.38 40.86
C GLU A 528 -2.63 17.00 41.36
N SER A 529 -3.56 17.01 42.33
CA SER A 529 -4.04 15.78 42.94
C SER A 529 -4.68 14.86 41.91
N ALA A 530 -5.50 15.42 41.02
CA ALA A 530 -6.14 14.60 40.01
C ALA A 530 -5.11 14.01 39.03
N ARG A 531 -4.05 14.75 38.71
CA ARG A 531 -3.00 14.21 37.80
C ARG A 531 -2.26 13.03 38.46
N LEU A 532 -1.94 13.17 39.74
CA LEU A 532 -1.24 12.14 40.50
C LEU A 532 -2.08 10.88 40.62
N ARG A 533 -3.38 11.06 40.90
CA ARG A 533 -4.27 9.91 41.06
C ARG A 533 -4.41 9.22 39.73
N TYR A 534 -4.42 9.99 38.65
CA TYR A 534 -4.50 9.36 37.34
C TYR A 534 -3.21 8.55 37.10
N GLY A 535 -2.09 9.11 37.61
CA GLY A 535 -0.79 8.47 37.46
C GLY A 535 -0.75 7.10 38.10
N LEU A 536 -1.15 7.05 39.36
CA LEU A 536 -1.22 5.81 40.11
C LEU A 536 -2.17 4.75 39.55
N GLU A 537 -3.33 5.16 39.05
CA GLU A 537 -4.32 4.19 38.55
C GLU A 537 -4.28 3.87 37.07
N GLU A 538 -3.79 4.82 36.26
CA GLU A 538 -3.78 4.54 34.83
C GLU A 538 -2.44 4.61 34.13
N GLU A 539 -1.40 5.08 34.82
CA GLU A 539 -0.08 5.22 34.21
C GLU A 539 1.07 4.47 34.92
N MET A 540 0.71 3.50 35.76
CA MET A 540 1.68 2.66 36.45
C MET A 540 2.79 3.34 37.28
N VAL A 541 2.44 4.41 37.97
CA VAL A 541 3.40 5.06 38.86
C VAL A 541 3.69 4.09 40.03
N LEU A 542 4.97 3.82 40.33
CA LEU A 542 5.31 2.91 41.41
C LEU A 542 6.24 3.55 42.41
N ALA A 543 6.80 4.69 42.04
CA ALA A 543 7.74 5.41 42.90
C ALA A 543 7.68 6.87 42.51
N PRO A 544 8.03 7.77 43.43
CA PRO A 544 8.04 9.23 43.29
C PRO A 544 8.63 9.82 42.01
N GLY A 545 9.81 9.34 41.64
CA GLY A 545 10.48 9.83 40.46
C GLY A 545 9.79 9.49 39.17
N ASP A 546 9.10 8.35 39.12
CA ASP A 546 8.33 7.97 37.92
C ASP A 546 7.37 9.13 37.58
N TYR A 547 6.79 9.71 38.61
CA TYR A 547 5.84 10.80 38.42
C TYR A 547 6.45 12.21 38.17
N LEU A 548 7.36 12.63 39.05
CA LEU A 548 7.96 13.95 38.91
C LEU A 548 8.96 14.11 37.80
N ILE A 549 9.43 13.00 37.23
CA ILE A 549 10.44 13.08 36.18
C ILE A 549 9.96 12.71 34.82
N ARG A 550 9.22 11.62 34.71
CA ARG A 550 8.76 11.14 33.41
C ARG A 550 7.25 11.34 33.05
N ARG A 551 6.34 11.31 34.01
CA ARG A 551 4.90 11.48 33.69
C ARG A 551 4.56 12.98 33.55
N THR A 552 5.34 13.81 34.24
CA THR A 552 5.17 15.27 34.26
C THR A 552 6.52 15.98 33.99
N ASN A 553 6.47 17.29 33.80
CA ASN A 553 7.66 18.08 33.61
C ASN A 553 8.13 18.75 34.90
N HIS A 554 7.66 18.28 36.04
CA HIS A 554 8.07 18.88 37.31
C HIS A 554 9.59 19.10 37.59
N LEU A 555 10.39 18.02 37.73
CA LEU A 555 11.84 18.17 38.04
C LEU A 555 12.68 19.00 37.04
N LEU A 556 12.65 18.61 35.77
CA LEU A 556 13.43 19.27 34.75
C LEU A 556 13.05 20.71 34.39
N PHE A 557 11.75 20.95 34.16
CA PHE A 557 11.33 22.27 33.76
C PHE A 557 10.67 23.19 34.77
N GLU A 558 10.40 22.71 35.97
CA GLU A 558 9.76 23.55 36.98
C GLU A 558 10.45 23.42 38.33
N ARG A 559 11.76 23.22 38.33
CA ARG A 559 12.58 23.02 39.54
C ARG A 559 12.34 24.06 40.61
N ASP A 560 12.10 25.30 40.20
CA ASP A 560 11.85 26.40 41.13
C ASP A 560 10.54 26.26 41.94
N GLN A 561 9.70 25.31 41.58
CA GLN A 561 8.46 25.09 42.32
C GLN A 561 8.37 23.67 42.86
N LEU A 562 9.42 22.89 42.74
CA LEU A 562 9.39 21.51 43.22
C LEU A 562 9.31 21.33 44.77
N ASP A 563 9.96 22.20 45.53
CA ASP A 563 9.92 22.05 46.99
C ASP A 563 8.52 22.16 47.62
N GLU A 564 7.70 23.03 47.06
CA GLU A 564 6.35 23.21 47.57
C GLU A 564 5.57 21.89 47.54
N ILE A 565 5.73 21.10 46.46
CA ILE A 565 4.99 19.85 46.35
C ILE A 565 5.71 18.54 46.61
N LYS A 566 7.03 18.59 46.79
CA LYS A 566 7.82 17.36 46.99
C LYS A 566 7.32 16.40 48.09
N GLN A 567 7.26 16.87 49.33
CA GLN A 567 6.83 15.99 50.42
C GLN A 567 5.37 15.50 50.30
N PRO A 568 4.42 16.41 49.95
CA PRO A 568 3.00 16.03 49.80
C PRO A 568 2.82 14.90 48.77
N VAL A 569 3.66 14.90 47.74
CA VAL A 569 3.62 13.85 46.72
C VAL A 569 4.13 12.51 47.28
N ILE A 570 5.18 12.52 48.09
CA ILE A 570 5.66 11.26 48.65
C ILE A 570 4.59 10.70 49.59
N ASP A 571 4.06 11.55 50.48
CA ASP A 571 3.02 11.13 51.45
C ASP A 571 1.80 10.49 50.77
N ALA A 572 1.33 11.08 49.68
CA ALA A 572 0.18 10.51 48.98
C ALA A 572 0.53 9.14 48.38
N ILE A 573 1.68 9.04 47.73
CA ILE A 573 2.06 7.73 47.18
C ILE A 573 2.30 6.74 48.34
N ALA A 574 2.85 7.24 49.45
CA ALA A 574 3.11 6.37 50.62
C ALA A 574 1.84 5.75 51.15
N GLU A 575 0.85 6.60 51.42
CA GLU A 575 -0.40 6.10 51.96
C GLU A 575 -1.13 5.25 50.94
N TYR A 576 -1.04 5.61 49.66
CA TYR A 576 -1.73 4.83 48.62
C TYR A 576 -1.21 3.40 48.46
N PHE A 577 0.06 3.17 48.73
CA PHE A 577 0.62 1.81 48.64
C PHE A 577 0.65 1.18 50.03
N GLY A 578 0.59 2.02 51.06
CA GLY A 578 0.61 1.51 52.41
C GLY A 578 1.98 0.99 52.76
N TRP A 579 3.00 1.83 52.57
CA TRP A 579 4.40 1.48 52.84
C TRP A 579 4.78 1.47 54.33
N THR A 580 5.77 0.65 54.69
CA THR A 580 6.26 0.66 56.06
C THR A 580 7.04 1.97 56.18
N GLU A 581 7.33 2.41 57.40
CA GLU A 581 8.04 3.66 57.60
C GLU A 581 9.49 3.51 57.09
N GLU A 582 9.98 2.28 57.13
CA GLU A 582 11.32 1.93 56.69
C GLU A 582 11.37 1.96 55.16
N GLU A 583 10.26 1.55 54.52
CA GLU A 583 10.14 1.51 53.07
C GLU A 583 10.06 2.94 52.51
N LYS A 584 9.34 3.80 53.21
CA LYS A 584 9.18 5.18 52.79
C LYS A 584 10.48 5.95 52.87
N ALA A 585 11.21 5.79 53.97
CA ALA A 585 12.47 6.48 54.15
C ALA A 585 13.46 6.16 53.04
N GLN A 586 13.40 4.94 52.52
CA GLN A 586 14.30 4.57 51.43
C GLN A 586 13.87 5.09 50.05
N GLN A 587 12.56 5.14 49.81
CA GLN A 587 12.05 5.67 48.57
C GLN A 587 12.42 7.16 48.58
N THR A 588 12.50 7.75 49.77
CA THR A 588 12.83 9.17 49.91
C THR A 588 14.32 9.43 49.66
N LYS A 589 15.18 8.63 50.27
CA LYS A 589 16.62 8.79 50.10
C LYS A 589 17.04 8.70 48.62
N ARG A 590 16.38 7.80 47.90
CA ARG A 590 16.59 7.54 46.47
C ARG A 590 16.15 8.71 45.57
N LEU A 591 15.04 9.37 45.90
CA LEU A 591 14.55 10.50 45.13
C LEU A 591 15.51 11.69 45.32
N GLU A 592 15.99 11.87 46.55
CA GLU A 592 16.94 12.92 46.88
C GLU A 592 18.22 12.77 46.06
N ALA A 593 18.64 11.54 45.84
CA ALA A 593 19.83 11.31 45.05
C ALA A 593 19.57 11.74 43.59
N LEU A 594 18.38 11.49 43.09
CA LEU A 594 18.06 11.87 41.71
C LEU A 594 18.00 13.39 41.57
N ILE A 595 17.56 14.07 42.62
CA ILE A 595 17.51 15.52 42.57
C ILE A 595 18.94 16.09 42.70
N ALA A 596 19.73 15.54 43.61
CA ALA A 596 21.11 16.00 43.75
C ALA A 596 21.87 15.92 42.42
N GLU A 597 21.74 14.80 41.70
CA GLU A 597 22.40 14.65 40.40
C GLU A 597 21.92 15.65 39.33
N SER A 598 20.60 15.90 39.23
CA SER A 598 20.08 16.85 38.26
C SER A 598 20.63 18.27 38.53
N ASP A 599 20.62 18.65 39.81
CA ASP A 599 21.09 19.94 40.31
C ASP A 599 22.58 20.12 40.18
N LEU A 600 23.31 19.05 39.86
CA LEU A 600 24.76 19.19 39.72
C LEU A 600 25.38 19.66 41.05
N ARG A 601 24.82 19.21 42.17
CA ARG A 601 25.30 19.57 43.49
C ARG A 601 26.78 19.16 43.78
N GLU A 602 27.22 17.97 43.36
CA GLU A 602 28.59 17.59 43.63
C GLU A 602 29.60 18.50 42.92
N LEU A 603 29.42 18.71 41.62
CA LEU A 603 30.29 19.59 40.87
C LEU A 603 30.33 20.97 41.50
N LYS A 604 29.17 21.45 41.98
CA LYS A 604 29.10 22.77 42.60
C LYS A 604 29.80 22.72 43.96
N GLY A 605 30.10 21.51 44.42
CA GLY A 605 30.73 21.34 45.71
C GLY A 605 29.96 22.13 46.75
N MET B 1 4.84 3.78 -14.91
CA MET B 1 3.52 4.43 -14.74
C MET B 1 2.66 4.34 -16.01
N PHE B 2 1.39 3.98 -15.82
CA PHE B 2 0.44 3.89 -16.92
C PHE B 2 -0.95 4.02 -16.33
N SER B 3 -1.30 5.25 -15.99
CA SER B 3 -2.59 5.58 -15.38
C SER B 3 -3.11 6.96 -15.78
N ASN B 4 -3.98 7.54 -14.96
CA ASN B 4 -4.57 8.86 -15.23
C ASN B 4 -3.51 9.95 -15.43
N LYS B 5 -2.33 9.76 -14.85
CA LYS B 5 -1.22 10.70 -15.01
C LYS B 5 -0.72 10.58 -16.44
N THR B 6 -0.24 9.38 -16.78
CA THR B 6 0.28 9.11 -18.12
C THR B 6 -0.77 9.56 -19.12
N ARG B 7 -2.04 9.41 -18.74
CA ARG B 7 -3.15 9.77 -19.63
C ARG B 7 -3.23 11.26 -19.97
N GLN B 8 -3.22 12.11 -18.96
CA GLN B 8 -3.33 13.55 -19.21
C GLN B 8 -2.17 14.09 -20.05
N ASP B 9 -0.98 13.52 -19.87
CA ASP B 9 0.18 13.95 -20.64
C ASP B 9 -0.11 13.66 -22.10
N SER B 10 -0.50 12.41 -22.38
CA SER B 10 -0.81 11.98 -23.74
C SER B 10 -1.76 12.91 -24.49
N ILE B 11 -2.86 13.26 -23.84
CA ILE B 11 -3.84 14.14 -24.45
C ILE B 11 -3.17 15.42 -24.92
N GLN B 12 -2.32 15.98 -24.06
CA GLN B 12 -1.61 17.22 -24.34
C GLN B 12 -0.62 17.06 -25.49
N LYS B 13 0.13 15.97 -25.51
CA LYS B 13 1.09 15.77 -26.57
C LYS B 13 0.44 15.70 -27.95
N MET B 14 -0.81 15.25 -28.02
CA MET B 14 -1.51 15.15 -29.31
C MET B 14 -2.17 16.46 -29.69
N GLN B 15 -1.64 17.55 -29.13
CA GLN B 15 -2.16 18.89 -29.40
C GLN B 15 -1.28 19.72 -30.33
N GLU B 18 1.43 17.28 -35.85
CA GLU B 18 0.65 16.38 -36.74
C GLU B 18 1.19 14.96 -36.66
N LEU B 19 0.50 14.12 -35.89
CA LEU B 19 0.86 12.71 -35.70
C LEU B 19 0.91 11.97 -37.03
N ASP B 20 1.65 10.87 -37.05
CA ASP B 20 1.74 10.09 -38.26
C ASP B 20 0.43 9.29 -38.44
N LEU B 21 -0.03 8.66 -37.37
CA LEU B 21 -1.27 7.87 -37.46
C LEU B 21 -2.22 7.96 -36.26
N LEU B 22 -3.49 8.24 -36.56
CA LEU B 22 -4.52 8.30 -35.52
C LEU B 22 -5.39 7.03 -35.66
N ILE B 23 -5.54 6.29 -34.57
CA ILE B 23 -6.32 5.04 -34.59
C ILE B 23 -7.60 5.20 -33.76
N ILE B 24 -8.76 4.94 -34.37
CA ILE B 24 -10.04 5.04 -33.68
C ILE B 24 -10.58 3.65 -33.24
N GLY B 25 -10.52 3.37 -31.94
CA GLY B 25 -11.02 2.11 -31.44
C GLY B 25 -10.00 1.44 -30.55
N GLY B 26 -10.43 1.12 -29.33
CA GLY B 26 -9.50 0.49 -28.40
C GLY B 26 -9.71 -0.98 -28.11
N GLY B 27 -10.24 -1.71 -29.10
CA GLY B 27 -10.48 -3.14 -28.95
C GLY B 27 -9.24 -3.94 -29.33
N ILE B 28 -9.42 -5.22 -29.66
CA ILE B 28 -8.28 -6.04 -30.06
C ILE B 28 -7.74 -5.57 -31.42
N THR B 29 -8.62 -5.06 -32.27
CA THR B 29 -8.17 -4.61 -33.57
C THR B 29 -7.24 -3.38 -33.43
N GLY B 30 -7.78 -2.29 -32.90
CA GLY B 30 -7.00 -1.07 -32.69
C GLY B 30 -5.76 -1.38 -31.86
N ALA B 31 -5.91 -2.19 -30.83
CA ALA B 31 -4.76 -2.50 -29.99
C ALA B 31 -3.61 -3.21 -30.76
N GLY B 32 -3.98 -3.99 -31.78
CA GLY B 32 -2.96 -4.69 -32.54
C GLY B 32 -2.25 -3.81 -33.56
N VAL B 33 -2.96 -2.86 -34.16
CA VAL B 33 -2.35 -1.95 -35.11
C VAL B 33 -1.22 -1.17 -34.41
N ALA B 34 -1.55 -0.55 -33.28
CA ALA B 34 -0.59 0.23 -32.51
C ALA B 34 0.62 -0.62 -32.05
N VAL B 35 0.37 -1.80 -31.51
CA VAL B 35 1.46 -2.64 -31.04
C VAL B 35 2.53 -2.82 -32.10
N GLN B 36 2.12 -2.76 -33.37
CA GLN B 36 3.06 -2.93 -34.47
C GLN B 36 3.61 -1.59 -34.96
N ALA B 37 2.76 -0.61 -35.20
CA ALA B 37 3.20 0.71 -35.67
C ALA B 37 4.30 1.30 -34.77
N ALA B 38 4.02 1.35 -33.47
CA ALA B 38 4.98 1.87 -32.51
C ALA B 38 6.31 1.13 -32.64
N ALA B 39 6.28 -0.20 -32.60
CA ALA B 39 7.51 -0.97 -32.74
C ALA B 39 8.24 -0.64 -34.06
N SER B 40 7.53 -0.01 -34.98
CA SER B 40 8.12 0.33 -36.27
C SER B 40 8.51 1.80 -36.43
N GLY B 41 8.30 2.59 -35.39
CA GLY B 41 8.67 3.99 -35.49
C GLY B 41 7.52 4.98 -35.48
N ILE B 42 6.57 4.82 -36.41
CA ILE B 42 5.43 5.74 -36.51
C ILE B 42 5.07 6.45 -35.20
N LYS B 43 4.86 7.74 -35.29
CA LYS B 43 4.22 8.48 -34.16
C LYS B 43 2.71 8.21 -34.19
N THR B 44 2.25 7.49 -33.19
CA THR B 44 0.85 7.05 -33.14
C THR B 44 0.02 7.57 -31.97
N GLY B 45 -1.23 7.91 -32.25
CA GLY B 45 -2.13 8.38 -31.20
C GLY B 45 -3.51 7.75 -31.27
N LEU B 46 -3.74 6.69 -30.50
CA LEU B 46 -5.03 5.99 -30.48
C LEU B 46 -6.03 6.55 -29.45
N ILE B 47 -7.32 6.45 -29.78
CA ILE B 47 -8.38 6.91 -28.89
C ILE B 47 -9.58 5.94 -28.75
N GLU B 48 -9.85 5.54 -27.50
CA GLU B 48 -10.94 4.61 -27.17
C GLU B 48 -12.06 5.31 -26.40
N MET B 49 -13.22 5.40 -27.03
CA MET B 49 -14.43 6.01 -26.47
C MET B 49 -14.76 5.57 -25.01
N GLN B 50 -14.71 4.27 -24.71
CA GLN B 50 -14.99 3.79 -23.36
C GLN B 50 -13.67 3.29 -22.78
N ASP B 51 -13.72 2.21 -22.01
CA ASP B 51 -12.49 1.66 -21.46
C ASP B 51 -11.85 0.78 -22.56
N PHE B 52 -10.63 0.32 -22.33
CA PHE B 52 -9.94 -0.56 -23.27
C PHE B 52 -10.63 -1.93 -23.23
N ALA B 53 -10.90 -2.51 -24.39
CA ALA B 53 -11.54 -3.82 -24.49
C ALA B 53 -12.99 -3.90 -23.96
N GLU B 54 -13.63 -2.76 -23.77
CA GLU B 54 -14.98 -2.80 -23.23
C GLU B 54 -16.01 -2.98 -24.33
N GLY B 55 -15.53 -3.29 -25.52
CA GLY B 55 -16.43 -3.49 -26.65
C GLY B 55 -16.71 -4.97 -26.84
N THR B 56 -16.63 -5.45 -28.08
CA THR B 56 -16.87 -6.86 -28.34
C THR B 56 -15.72 -7.71 -27.86
N SER B 57 -14.52 -7.16 -27.85
CA SER B 57 -13.34 -7.92 -27.43
C SER B 57 -13.30 -8.36 -25.97
N SER B 58 -14.45 -8.34 -25.30
CA SER B 58 -14.55 -8.80 -23.90
C SER B 58 -15.86 -9.57 -23.75
N ARG B 59 -16.58 -9.71 -24.86
CA ARG B 59 -17.85 -10.37 -24.86
C ARG B 59 -17.96 -11.57 -25.81
N SER B 60 -16.84 -12.25 -26.05
CA SER B 60 -16.87 -13.41 -26.94
C SER B 60 -16.92 -14.76 -26.20
N THR B 61 -16.79 -15.86 -26.94
CA THR B 61 -16.85 -17.17 -26.30
C THR B 61 -15.63 -17.42 -25.39
N LYS B 62 -14.62 -16.58 -25.53
CA LYS B 62 -13.42 -16.69 -24.70
C LYS B 62 -12.72 -18.02 -24.89
N LEU B 63 -12.37 -18.32 -26.13
CA LEU B 63 -11.68 -19.54 -26.49
C LEU B 63 -10.92 -19.33 -27.77
N VAL B 64 -10.15 -20.34 -28.16
CA VAL B 64 -9.39 -20.33 -29.41
C VAL B 64 -9.60 -21.73 -30.00
N HIS B 65 -10.79 -21.93 -30.55
CA HIS B 65 -11.21 -23.21 -31.14
C HIS B 65 -10.53 -23.47 -32.47
N GLY B 66 -10.05 -24.71 -32.65
CA GLY B 66 -9.37 -25.10 -33.88
C GLY B 66 -10.25 -25.21 -35.14
N GLY B 67 -11.51 -25.57 -34.95
CA GLY B 67 -12.42 -25.72 -36.08
C GLY B 67 -12.45 -27.10 -36.73
N ILE B 68 -12.16 -28.15 -35.96
CA ILE B 68 -12.15 -29.51 -36.49
C ILE B 68 -13.38 -29.84 -37.35
N ARG B 69 -14.49 -29.17 -37.05
CA ARG B 69 -15.75 -29.35 -37.76
C ARG B 69 -15.63 -29.15 -39.28
N TYR B 70 -14.73 -28.26 -39.70
CA TYR B 70 -14.54 -27.99 -41.13
C TYR B 70 -14.10 -29.20 -41.98
N LEU B 71 -13.46 -30.21 -41.37
CA LEU B 71 -13.03 -31.40 -42.11
C LEU B 71 -14.21 -32.18 -42.70
N LYS B 72 -15.42 -31.91 -42.23
CA LYS B 72 -16.59 -32.63 -42.74
C LYS B 72 -16.86 -32.33 -44.22
N THR B 73 -16.45 -31.14 -44.67
CA THR B 73 -16.61 -30.74 -46.06
C THR B 73 -15.23 -30.61 -46.66
N PHE B 74 -14.27 -31.23 -45.97
CA PHE B 74 -12.88 -31.22 -46.38
C PHE B 74 -12.35 -29.84 -46.68
N ASP B 75 -12.77 -28.86 -45.86
CA ASP B 75 -12.30 -27.46 -45.99
C ASP B 75 -11.00 -27.46 -45.23
N VAL B 76 -9.98 -28.04 -45.84
CA VAL B 76 -8.69 -28.16 -45.19
C VAL B 76 -7.83 -26.91 -45.17
N GLU B 77 -7.98 -26.02 -46.13
CA GLU B 77 -7.12 -24.84 -46.11
C GLU B 77 -7.54 -23.90 -44.97
N VAL B 78 -8.83 -23.87 -44.64
CA VAL B 78 -9.30 -23.04 -43.55
C VAL B 78 -8.76 -23.53 -42.22
N VAL B 79 -8.76 -24.84 -42.02
CA VAL B 79 -8.27 -25.46 -40.80
C VAL B 79 -6.77 -25.22 -40.61
N ALA B 80 -6.01 -25.30 -41.71
CA ALA B 80 -4.57 -25.07 -41.63
C ALA B 80 -4.25 -23.63 -41.22
N ASP B 81 -4.93 -22.65 -41.78
CA ASP B 81 -4.69 -21.24 -41.42
C ASP B 81 -4.91 -21.04 -39.92
N THR B 82 -6.07 -21.49 -39.46
CA THR B 82 -6.50 -21.39 -38.06
C THR B 82 -5.53 -21.96 -37.04
N VAL B 83 -5.16 -23.25 -37.15
CA VAL B 83 -4.20 -23.83 -36.20
C VAL B 83 -2.83 -23.15 -36.34
N GLY B 84 -2.57 -22.62 -37.53
CA GLY B 84 -1.31 -21.95 -37.79
C GLY B 84 -1.19 -20.60 -37.07
N GLU B 85 -2.22 -19.76 -37.22
CA GLU B 85 -2.24 -18.43 -36.59
C GLU B 85 -2.37 -18.57 -35.08
N ARG B 86 -3.09 -19.60 -34.66
CA ARG B 86 -3.28 -19.82 -33.26
C ARG B 86 -1.92 -20.10 -32.63
N ALA B 87 -0.97 -20.54 -33.46
CA ALA B 87 0.37 -20.88 -33.00
C ALA B 87 1.16 -19.63 -32.67
N VAL B 88 1.12 -18.65 -33.57
CA VAL B 88 1.80 -17.38 -33.37
C VAL B 88 1.39 -16.76 -32.05
N VAL B 89 0.11 -16.39 -31.94
CA VAL B 89 -0.45 -15.79 -30.74
C VAL B 89 0.07 -16.46 -29.46
N GLN B 90 -0.12 -17.77 -29.35
CA GLN B 90 0.35 -18.49 -28.17
C GLN B 90 1.84 -18.19 -27.96
N GLY B 91 2.55 -17.98 -29.06
CA GLY B 91 3.97 -17.67 -28.98
C GLY B 91 4.28 -16.26 -28.50
N ILE B 92 3.48 -15.28 -28.91
CA ILE B 92 3.72 -13.90 -28.48
C ILE B 92 2.94 -13.50 -27.20
N ALA B 93 2.29 -14.46 -26.56
CA ALA B 93 1.54 -14.15 -25.35
C ALA B 93 1.39 -15.41 -24.55
N PRO B 94 2.51 -16.06 -24.22
CA PRO B 94 2.54 -17.30 -23.44
C PRO B 94 1.82 -17.32 -22.11
N HIS B 95 1.26 -16.19 -21.70
CA HIS B 95 0.56 -16.17 -20.40
C HIS B 95 -0.95 -16.05 -20.52
N ILE B 96 -1.45 -15.95 -21.75
CA ILE B 96 -2.87 -15.83 -21.97
C ILE B 96 -3.56 -17.09 -22.49
N PRO B 97 -3.43 -17.42 -23.80
CA PRO B 97 -4.10 -18.65 -24.27
C PRO B 97 -3.40 -19.90 -23.76
N LYS B 98 -4.15 -20.75 -23.06
CA LYS B 98 -3.62 -21.98 -22.46
C LYS B 98 -4.24 -23.28 -22.99
N PRO B 99 -3.46 -24.38 -23.04
CA PRO B 99 -3.93 -25.67 -23.52
C PRO B 99 -5.04 -26.23 -22.66
N ASP B 100 -6.21 -26.42 -23.25
CA ASP B 100 -7.37 -26.96 -22.54
C ASP B 100 -8.10 -27.94 -23.45
N PRO B 101 -7.57 -29.17 -23.59
CA PRO B 101 -8.16 -30.22 -24.42
C PRO B 101 -9.68 -30.32 -24.28
N MET B 102 -10.34 -30.51 -25.41
CA MET B 102 -11.80 -30.60 -25.43
C MET B 102 -12.35 -32.03 -25.59
N LEU B 103 -13.63 -32.20 -25.26
CA LEU B 103 -14.28 -33.48 -25.32
C LEU B 103 -15.50 -33.44 -26.22
N LEU B 104 -15.52 -34.34 -27.21
CA LEU B 104 -16.59 -34.43 -28.18
C LEU B 104 -17.32 -35.78 -28.16
N PRO B 105 -18.42 -35.88 -27.41
CA PRO B 105 -19.19 -37.12 -27.32
C PRO B 105 -19.93 -37.49 -28.63
N ILE B 106 -20.05 -38.80 -28.88
CA ILE B 106 -20.70 -39.34 -30.09
C ILE B 106 -22.03 -40.03 -29.76
N TYR B 107 -23.05 -39.80 -30.57
CA TYR B 107 -24.38 -40.37 -30.35
C TYR B 107 -24.96 -41.01 -31.61
N GLU B 108 -25.54 -42.21 -31.49
CA GLU B 108 -26.13 -42.81 -32.67
C GLU B 108 -27.65 -42.55 -32.72
N ASP B 109 -28.18 -41.96 -31.65
CA ASP B 109 -29.61 -41.66 -31.59
C ASP B 109 -29.82 -40.41 -32.41
N GLU B 110 -28.85 -39.51 -32.32
CA GLU B 110 -28.89 -38.24 -33.01
C GLU B 110 -27.71 -38.18 -33.97
N THR B 113 -25.88 -36.80 -37.69
CA THR B 113 -24.70 -36.50 -36.82
C THR B 113 -23.62 -35.74 -37.60
N THR B 114 -22.37 -35.90 -37.15
CA THR B 114 -21.24 -35.23 -37.77
C THR B 114 -20.06 -36.20 -37.86
N PHE B 115 -19.89 -37.00 -36.82
CA PHE B 115 -18.80 -37.99 -36.76
C PHE B 115 -19.28 -39.26 -36.04
N ASN B 116 -18.55 -40.36 -36.25
CA ASN B 116 -18.83 -41.63 -35.58
C ASN B 116 -17.50 -41.98 -34.91
N MET B 117 -17.49 -43.06 -34.14
CA MET B 117 -16.28 -43.46 -33.46
C MET B 117 -15.10 -43.72 -34.39
N PHE B 118 -15.37 -44.18 -35.61
CA PHE B 118 -14.29 -44.45 -36.56
C PHE B 118 -13.79 -43.16 -37.24
N SER B 119 -14.72 -42.31 -37.69
CA SER B 119 -14.33 -41.07 -38.35
C SER B 119 -13.69 -39.99 -37.47
N VAL B 120 -14.09 -39.87 -36.20
CA VAL B 120 -13.49 -38.85 -35.30
C VAL B 120 -12.00 -39.08 -35.17
N LYS B 121 -11.62 -40.36 -35.11
CA LYS B 121 -10.24 -40.75 -34.97
C LYS B 121 -9.40 -40.27 -36.14
N VAL B 122 -9.84 -40.51 -37.37
CA VAL B 122 -9.04 -40.06 -38.51
C VAL B 122 -9.08 -38.53 -38.60
N ALA B 123 -10.19 -37.95 -38.16
CA ALA B 123 -10.34 -36.50 -38.22
C ALA B 123 -9.34 -35.86 -37.27
N MET B 124 -9.16 -36.46 -36.10
CA MET B 124 -8.22 -35.92 -35.14
C MET B 124 -6.73 -36.11 -35.51
N ASP B 125 -6.42 -37.09 -36.36
CA ASP B 125 -5.03 -37.31 -36.78
C ASP B 125 -4.63 -36.33 -37.87
N LEU B 126 -5.60 -35.97 -38.72
CA LEU B 126 -5.33 -35.03 -39.81
C LEU B 126 -5.19 -33.65 -39.12
N TYR B 127 -6.00 -33.45 -38.08
CA TYR B 127 -6.00 -32.22 -37.29
C TYR B 127 -4.63 -31.98 -36.64
N ASP B 128 -4.11 -32.96 -35.90
CA ASP B 128 -2.78 -32.83 -35.27
C ASP B 128 -1.67 -32.75 -36.32
N LYS B 129 -1.87 -33.40 -37.46
CA LYS B 129 -0.87 -33.32 -38.51
C LYS B 129 -0.76 -31.89 -39.06
N LEU B 130 -1.90 -31.27 -39.36
CA LEU B 130 -1.88 -29.91 -39.89
C LEU B 130 -1.43 -28.94 -38.78
N ALA B 131 -1.79 -29.25 -37.54
CA ALA B 131 -1.44 -28.41 -36.40
C ALA B 131 0.01 -28.65 -35.97
N ASN B 132 0.59 -29.73 -36.50
CA ASN B 132 1.96 -30.09 -36.21
C ASN B 132 2.09 -30.43 -34.72
N VAL B 133 1.06 -31.07 -34.21
CA VAL B 133 0.95 -31.48 -32.82
C VAL B 133 1.17 -33.00 -32.73
N THR B 134 0.92 -33.68 -33.84
CA THR B 134 1.05 -35.13 -33.92
C THR B 134 2.34 -35.68 -33.29
N GLY B 135 2.23 -36.11 -32.03
CA GLY B 135 3.38 -36.68 -31.35
C GLY B 135 3.62 -36.17 -29.93
N THR B 136 3.41 -34.87 -29.73
CA THR B 136 3.59 -34.24 -28.44
C THR B 136 2.71 -34.87 -27.36
N LYS B 137 2.77 -34.32 -26.16
CA LYS B 137 1.97 -34.85 -25.05
C LYS B 137 0.49 -34.56 -25.22
N TYR B 138 0.15 -33.63 -26.10
CA TYR B 138 -1.25 -33.26 -26.33
C TYR B 138 -1.96 -33.95 -27.49
N GLU B 139 -1.40 -35.06 -27.94
CA GLU B 139 -1.95 -35.84 -29.04
C GLU B 139 -3.33 -36.41 -28.70
N ASN B 140 -4.23 -36.38 -29.68
CA ASN B 140 -5.62 -36.83 -29.50
C ASN B 140 -5.76 -38.27 -29.03
N TYR B 141 -6.94 -38.61 -28.50
CA TYR B 141 -7.24 -39.97 -28.05
C TYR B 141 -8.76 -40.15 -27.93
N THR B 142 -9.23 -41.39 -27.89
CA THR B 142 -10.65 -41.63 -27.78
C THR B 142 -11.05 -42.22 -26.40
N LEU B 143 -12.34 -42.23 -26.12
CA LEU B 143 -12.86 -42.73 -24.86
C LEU B 143 -14.08 -43.62 -25.06
N THR B 144 -14.15 -44.67 -24.25
CA THR B 144 -15.23 -45.65 -24.27
C THR B 144 -16.42 -45.06 -23.50
N PRO B 145 -17.65 -45.36 -23.92
CA PRO B 145 -18.86 -44.84 -23.26
C PRO B 145 -18.80 -44.96 -21.74
N GLU B 146 -18.04 -45.92 -21.26
CA GLU B 146 -17.94 -46.09 -19.83
C GLU B 146 -17.09 -44.99 -19.25
N GLU B 147 -15.86 -44.86 -19.76
CA GLU B 147 -14.93 -43.85 -19.26
C GLU B 147 -15.30 -42.39 -19.55
N VAL B 148 -16.39 -42.18 -20.28
CA VAL B 148 -16.84 -40.84 -20.58
C VAL B 148 -17.78 -40.40 -19.47
N LEU B 149 -18.69 -41.29 -19.07
CA LEU B 149 -19.65 -41.00 -18.00
C LEU B 149 -18.95 -40.75 -16.67
N GLU B 150 -17.75 -41.29 -16.52
CA GLU B 150 -16.97 -41.06 -15.31
C GLU B 150 -16.69 -39.57 -15.18
N ARG B 151 -16.01 -38.99 -16.17
CA ARG B 151 -15.66 -37.58 -16.18
C ARG B 151 -16.87 -36.64 -16.15
N GLU B 152 -17.99 -37.07 -16.74
CA GLU B 152 -19.18 -36.23 -16.78
C GLU B 152 -20.43 -37.03 -16.41
N PRO B 153 -20.74 -37.12 -15.10
CA PRO B 153 -21.86 -37.84 -14.51
C PRO B 153 -23.28 -37.55 -15.01
N PHE B 154 -23.57 -36.30 -15.34
CA PHE B 154 -24.94 -35.97 -15.76
C PHE B 154 -25.17 -36.08 -17.26
N LEU B 155 -24.14 -36.48 -17.98
CA LEU B 155 -24.21 -36.61 -19.45
C LEU B 155 -25.15 -37.72 -19.96
N LYS B 156 -26.10 -37.33 -20.82
CA LYS B 156 -27.07 -38.25 -21.43
C LYS B 156 -26.46 -39.61 -21.77
N LYS B 157 -27.14 -40.69 -21.36
CA LYS B 157 -26.65 -42.06 -21.59
C LYS B 157 -27.26 -42.67 -22.84
N GLU B 158 -28.58 -42.51 -22.96
CA GLU B 158 -29.31 -43.04 -24.11
C GLU B 158 -28.57 -42.81 -25.42
N GLY B 159 -27.75 -43.75 -25.85
CA GLY B 159 -27.22 -43.68 -27.20
C GLY B 159 -25.77 -43.30 -27.31
N LEU B 160 -25.08 -43.29 -26.19
CA LEU B 160 -23.71 -42.86 -26.11
C LEU B 160 -22.78 -43.91 -26.68
N LYS B 161 -21.94 -43.53 -27.64
CA LYS B 161 -20.97 -44.43 -28.23
C LYS B 161 -19.54 -44.24 -27.77
N GLY B 162 -19.30 -43.21 -26.98
CA GLY B 162 -17.95 -42.89 -26.54
C GLY B 162 -17.66 -41.44 -26.85
N ALA B 163 -16.39 -41.07 -27.05
CA ALA B 163 -16.04 -39.69 -27.38
C ALA B 163 -14.55 -39.52 -27.75
N GLY B 164 -14.21 -38.35 -28.29
CA GLY B 164 -12.84 -38.03 -28.67
C GLY B 164 -12.35 -36.81 -27.91
N VAL B 165 -11.04 -36.73 -27.73
CA VAL B 165 -10.40 -35.62 -27.02
C VAL B 165 -9.25 -35.10 -27.85
N TYR B 166 -9.28 -33.82 -28.22
CA TYR B 166 -8.20 -33.20 -29.01
C TYR B 166 -7.88 -31.81 -28.45
N LEU B 167 -6.74 -31.26 -28.83
CA LEU B 167 -6.26 -29.98 -28.34
C LEU B 167 -7.05 -28.74 -28.75
N ASP B 168 -7.24 -27.84 -27.80
CA ASP B 168 -7.98 -26.59 -27.98
C ASP B 168 -7.46 -25.63 -26.88
N PHE B 169 -7.73 -24.33 -26.97
CA PHE B 169 -7.23 -23.39 -25.96
C PHE B 169 -8.22 -22.45 -25.29
N ARG B 170 -7.91 -22.16 -24.03
CA ARG B 170 -8.68 -21.23 -23.20
C ARG B 170 -8.01 -19.88 -23.45
N ASN B 171 -8.80 -18.82 -23.53
CA ASN B 171 -8.24 -17.50 -23.80
C ASN B 171 -9.06 -16.31 -23.30
N ASN B 172 -8.54 -15.59 -22.31
CA ASN B 172 -9.22 -14.41 -21.77
C ASN B 172 -8.99 -13.28 -22.77
N ASP B 173 -10.05 -12.84 -23.44
CA ASP B 173 -9.93 -11.78 -24.42
C ASP B 173 -9.47 -10.43 -23.86
N ALA B 174 -10.17 -9.94 -22.84
CA ALA B 174 -9.83 -8.66 -22.21
C ALA B 174 -8.34 -8.58 -21.88
N ARG B 175 -7.81 -9.58 -21.22
CA ARG B 175 -6.38 -9.54 -20.93
C ARG B 175 -5.52 -9.47 -22.21
N LEU B 176 -5.98 -10.09 -23.31
CA LEU B 176 -5.19 -10.06 -24.55
C LEU B 176 -5.07 -8.65 -25.09
N VAL B 177 -6.13 -7.88 -24.97
CA VAL B 177 -6.09 -6.50 -25.46
C VAL B 177 -5.15 -5.62 -24.58
N ILE B 178 -5.39 -5.60 -23.26
CA ILE B 178 -4.62 -4.80 -22.34
C ILE B 178 -3.12 -5.04 -22.41
N ASP B 179 -2.67 -6.29 -22.34
CA ASP B 179 -1.24 -6.53 -22.39
C ASP B 179 -0.62 -6.21 -23.74
N ASN B 180 -1.46 -5.84 -24.71
CA ASN B 180 -0.99 -5.46 -26.05
C ASN B 180 -0.84 -3.94 -25.99
N ILE B 181 -1.83 -3.29 -25.38
CA ILE B 181 -1.76 -1.84 -25.22
C ILE B 181 -0.60 -1.44 -24.30
N LYS B 182 -0.46 -2.12 -23.16
CA LYS B 182 0.63 -1.87 -22.21
C LYS B 182 2.00 -2.00 -22.90
N LYS B 183 2.08 -2.84 -23.93
CA LYS B 183 3.33 -2.98 -24.68
C LYS B 183 3.40 -1.83 -25.69
N ALA B 184 2.25 -1.38 -26.17
CA ALA B 184 2.25 -0.27 -27.11
C ALA B 184 2.72 0.98 -26.36
N ALA B 185 2.35 1.09 -25.08
CA ALA B 185 2.73 2.23 -24.24
C ALA B 185 4.24 2.31 -24.15
N GLU B 186 4.79 1.24 -23.59
CA GLU B 186 6.23 1.08 -23.41
C GLU B 186 7.04 1.49 -24.66
N ASP B 187 6.39 1.51 -25.81
CA ASP B 187 7.04 1.87 -27.07
C ASP B 187 6.69 3.28 -27.53
N GLY B 188 6.19 4.08 -26.60
CA GLY B 188 5.83 5.45 -26.92
C GLY B 188 4.75 5.64 -27.95
N ALA B 189 3.51 5.67 -27.47
CA ALA B 189 2.32 5.86 -28.31
C ALA B 189 1.28 6.56 -27.44
N TYR B 190 0.59 7.53 -28.01
CA TYR B 190 -0.40 8.29 -27.24
C TYR B 190 -1.73 7.55 -27.16
N LEU B 191 -1.81 6.71 -26.13
CA LEU B 191 -2.99 5.87 -25.90
C LEU B 191 -3.96 6.49 -24.89
N VAL B 192 -5.07 7.04 -25.40
CA VAL B 192 -6.03 7.67 -24.52
C VAL B 192 -7.43 7.06 -24.51
N SER B 193 -7.71 6.32 -23.45
CA SER B 193 -9.01 5.68 -23.27
C SER B 193 -9.98 6.74 -22.75
N LYS B 194 -11.27 6.42 -22.75
CA LYS B 194 -12.31 7.34 -22.31
C LYS B 194 -12.39 8.63 -23.13
N MET B 195 -11.88 8.59 -24.37
CA MET B 195 -11.94 9.75 -25.28
C MET B 195 -12.62 9.36 -26.60
N LYS B 196 -13.78 9.98 -26.86
CA LYS B 196 -14.59 9.70 -28.06
C LYS B 196 -14.42 10.59 -29.31
N ALA B 197 -14.25 9.96 -30.47
CA ALA B 197 -14.13 10.68 -31.75
C ALA B 197 -15.58 11.10 -32.16
N VAL B 198 -15.79 12.40 -32.29
CA VAL B 198 -17.11 12.93 -32.58
C VAL B 198 -17.26 13.69 -33.91
N GLY B 199 -16.14 13.92 -34.58
CA GLY B 199 -16.19 14.61 -35.86
C GLY B 199 -14.86 14.54 -36.60
N PHE B 200 -14.88 15.03 -37.84
CA PHE B 200 -13.67 15.03 -38.69
C PHE B 200 -13.16 16.43 -39.09
N LEU B 201 -11.84 16.56 -39.20
CA LEU B 201 -11.25 17.83 -39.61
C LEU B 201 -10.93 17.71 -41.09
N TYR B 202 -11.62 18.52 -41.89
CA TYR B 202 -11.44 18.51 -43.32
C TYR B 202 -10.52 19.62 -43.81
N GLY B 204 -9.84 20.33 -47.44
CA GLY B 204 -10.80 20.66 -48.54
C GLY B 204 -11.91 19.65 -48.76
N ASP B 205 -11.53 18.45 -49.21
CA ASP B 205 -12.45 17.35 -49.49
C ASP B 205 -11.92 16.14 -48.73
N GLN B 206 -10.69 16.28 -48.27
CA GLN B 206 -10.02 15.24 -47.53
C GLN B 206 -10.26 15.29 -46.01
N ILE B 207 -9.53 14.43 -45.32
CA ILE B 207 -9.60 14.32 -43.88
C ILE B 207 -8.16 14.46 -43.38
N VAL B 208 -7.92 15.52 -42.63
CA VAL B 208 -6.58 15.79 -42.10
C VAL B 208 -6.57 15.65 -40.57
N GLY B 209 -7.75 15.65 -39.98
CA GLY B 209 -7.80 15.51 -38.53
C GLY B 209 -9.12 15.06 -37.96
N VAL B 210 -9.13 14.93 -36.63
CA VAL B 210 -10.32 14.50 -35.92
C VAL B 210 -10.53 15.36 -34.68
N LYS B 211 -11.82 15.57 -34.35
CA LYS B 211 -12.23 16.32 -33.17
C LYS B 211 -12.81 15.36 -32.12
N ALA B 212 -12.04 15.12 -31.05
CA ALA B 212 -12.43 14.23 -29.96
C ALA B 212 -12.92 14.96 -28.71
N ARG B 213 -13.67 14.24 -27.89
CA ARG B 213 -14.23 14.78 -26.66
C ARG B 213 -13.68 14.00 -25.46
N ASP B 214 -13.39 14.69 -24.37
CA ASP B 214 -12.90 13.99 -23.18
C ASP B 214 -14.15 13.69 -22.39
N LEU B 215 -14.45 12.42 -22.21
CA LEU B 215 -15.66 12.08 -21.48
C LEU B 215 -15.50 12.30 -19.97
N LEU B 216 -14.27 12.54 -19.53
CA LEU B 216 -14.02 12.81 -18.13
C LEU B 216 -14.25 14.31 -17.86
N THR B 217 -13.98 15.14 -18.87
CA THR B 217 -14.19 16.60 -18.81
C THR B 217 -14.73 17.01 -20.18
N ASP B 218 -15.90 17.64 -20.21
CA ASP B 218 -16.52 18.06 -21.48
C ASP B 218 -15.65 18.88 -22.44
N GLU B 219 -14.34 18.79 -22.27
CA GLU B 219 -13.40 19.52 -23.11
C GLU B 219 -13.28 18.85 -24.50
N VAL B 220 -13.31 19.66 -25.55
CA VAL B 220 -13.20 19.21 -26.94
C VAL B 220 -11.82 19.56 -27.54
N ILE B 221 -11.08 18.57 -28.02
CA ILE B 221 -9.77 18.85 -28.58
C ILE B 221 -9.72 18.44 -30.04
N GLU B 222 -8.81 19.05 -30.81
CA GLU B 222 -8.66 18.71 -32.22
C GLU B 222 -7.34 17.97 -32.40
N ILE B 223 -7.36 16.90 -33.21
CA ILE B 223 -6.16 16.11 -33.43
C ILE B 223 -5.65 16.22 -34.86
N LYS B 224 -4.34 16.22 -35.00
CA LYS B 224 -3.73 16.34 -36.32
C LYS B 224 -2.85 15.14 -36.63
N ALA B 225 -3.08 14.51 -37.77
CA ALA B 225 -2.26 13.35 -38.14
C ALA B 225 -2.32 13.12 -39.63
N LYS B 226 -1.25 12.56 -40.17
CA LYS B 226 -1.17 12.26 -41.60
C LYS B 226 -2.27 11.29 -42.02
N LEU B 227 -2.44 10.21 -41.23
CA LEU B 227 -3.46 9.18 -41.53
C LEU B 227 -4.40 8.85 -40.38
N VAL B 228 -5.66 8.68 -40.72
CA VAL B 228 -6.70 8.33 -39.75
C VAL B 228 -7.40 6.97 -40.05
N ILE B 229 -7.07 5.94 -39.26
CA ILE B 229 -7.68 4.63 -39.49
C ILE B 229 -8.74 4.27 -38.46
N ASN B 230 -9.88 3.84 -38.99
CA ASN B 230 -11.03 3.42 -38.22
C ASN B 230 -11.06 1.89 -37.94
N THR B 231 -11.00 1.50 -36.65
CA THR B 231 -11.06 0.11 -36.22
C THR B 231 -12.04 0.06 -35.04
N SER B 232 -13.26 0.48 -35.30
CA SER B 232 -14.29 0.53 -34.27
C SER B 232 -15.20 -0.71 -34.15
N GLY B 233 -14.77 -1.84 -34.72
CA GLY B 233 -15.55 -3.08 -34.65
C GLY B 233 -16.98 -2.92 -35.17
N PRO B 234 -18.01 -3.32 -34.40
CA PRO B 234 -19.39 -3.19 -34.87
C PRO B 234 -19.86 -1.75 -35.08
N TRP B 235 -19.02 -0.81 -34.63
CA TRP B 235 -19.30 0.62 -34.77
C TRP B 235 -18.73 1.22 -36.09
N VAL B 236 -18.19 0.35 -36.95
CA VAL B 236 -17.60 0.74 -38.23
C VAL B 236 -18.43 1.68 -39.07
N ASP B 237 -19.73 1.46 -39.13
CA ASP B 237 -20.55 2.35 -39.93
C ASP B 237 -20.84 3.65 -39.20
N LYS B 238 -21.09 3.56 -37.90
CA LYS B 238 -21.39 4.76 -37.12
C LYS B 238 -20.24 5.76 -37.17
N VAL B 239 -19.00 5.27 -37.07
CA VAL B 239 -17.86 6.15 -37.15
C VAL B 239 -17.73 6.74 -38.57
N ARG B 240 -18.03 5.94 -39.61
CA ARG B 240 -17.94 6.39 -41.02
C ARG B 240 -18.87 7.53 -41.31
N ASN B 241 -20.13 7.37 -40.90
CA ASN B 241 -21.15 8.39 -41.10
C ASN B 241 -20.90 9.72 -40.40
N LEU B 242 -19.78 9.85 -39.71
CA LEU B 242 -19.48 11.11 -39.06
C LEU B 242 -19.34 12.18 -40.17
N ASN B 243 -19.04 11.72 -41.38
CA ASN B 243 -18.89 12.59 -42.56
C ASN B 243 -20.23 12.78 -43.25
N PHE B 244 -20.94 13.84 -42.86
CA PHE B 244 -22.25 14.15 -43.44
C PHE B 244 -22.10 14.57 -44.90
N PRO B 247 -21.97 11.38 -48.11
CA PRO B 247 -23.02 10.38 -48.45
C PRO B 247 -22.43 8.98 -48.57
N VAL B 248 -22.87 8.07 -47.70
CA VAL B 248 -22.36 6.69 -47.71
C VAL B 248 -23.41 5.60 -47.56
N SER B 249 -22.96 4.35 -47.61
CA SER B 249 -23.83 3.17 -47.49
C SER B 249 -23.36 2.23 -46.37
N PRO B 250 -24.26 1.34 -45.89
CA PRO B 250 -23.90 0.40 -44.81
C PRO B 250 -22.97 -0.73 -45.22
N LYS B 251 -22.04 -1.08 -44.33
CA LYS B 251 -21.08 -2.15 -44.58
C LYS B 251 -21.20 -3.29 -43.53
N MET B 252 -21.95 -3.01 -42.47
CA MET B 252 -22.12 -3.97 -41.38
C MET B 252 -23.54 -4.48 -41.17
N ARG B 253 -23.65 -5.51 -40.33
CA ARG B 253 -24.93 -6.11 -39.93
C ARG B 253 -24.70 -7.13 -38.82
N PRO B 254 -24.40 -6.65 -37.60
CA PRO B 254 -24.12 -7.40 -36.37
C PRO B 254 -25.22 -8.30 -35.79
N THR B 255 -24.81 -9.38 -35.13
CA THR B 255 -25.76 -10.28 -34.48
C THR B 255 -25.43 -10.45 -33.01
N LYS B 256 -26.48 -10.63 -32.21
CA LYS B 256 -26.33 -10.81 -30.77
C LYS B 256 -26.14 -12.28 -30.39
N GLY B 257 -25.20 -12.49 -29.47
CA GLY B 257 -24.91 -13.81 -28.93
C GLY B 257 -24.75 -13.62 -27.43
N ILE B 258 -25.21 -14.58 -26.62
CA ILE B 258 -25.09 -14.43 -25.16
C ILE B 258 -24.57 -15.68 -24.48
N HIS B 259 -24.20 -15.53 -23.22
CA HIS B 259 -23.69 -16.63 -22.41
C HIS B 259 -24.30 -16.58 -21.00
N LEU B 260 -24.47 -17.75 -20.37
CA LEU B 260 -25.02 -17.83 -19.01
C LEU B 260 -23.98 -18.51 -18.15
N VAL B 261 -24.05 -18.32 -16.84
CA VAL B 261 -23.09 -18.94 -15.92
C VAL B 261 -23.75 -19.53 -14.66
N VAL B 262 -23.28 -20.70 -14.23
CA VAL B 262 -23.82 -21.36 -13.05
C VAL B 262 -22.70 -21.91 -12.18
N ASP B 263 -23.04 -22.20 -10.93
CA ASP B 263 -22.10 -22.74 -9.97
C ASP B 263 -21.67 -24.13 -10.44
N ALA B 264 -20.38 -24.47 -10.29
CA ALA B 264 -19.87 -25.76 -10.73
C ALA B 264 -20.67 -26.99 -10.25
N LYS B 265 -21.20 -26.97 -9.03
CA LYS B 265 -21.95 -28.12 -8.55
C LYS B 265 -23.36 -28.23 -9.14
N LYS B 266 -23.77 -27.23 -9.90
CA LYS B 266 -25.08 -27.32 -10.52
C LYS B 266 -24.93 -27.88 -11.93
N LEU B 267 -23.67 -28.09 -12.37
CA LEU B 267 -23.39 -28.60 -13.70
C LEU B 267 -21.88 -28.79 -13.84
N PRO B 268 -21.33 -29.84 -13.22
CA PRO B 268 -19.89 -30.14 -13.24
C PRO B 268 -19.34 -30.63 -14.58
N VAL B 269 -18.27 -30.01 -15.06
CA VAL B 269 -17.63 -30.41 -16.32
C VAL B 269 -16.14 -30.09 -16.25
N PRO B 270 -15.32 -31.12 -15.97
CA PRO B 270 -13.86 -31.03 -15.85
C PRO B 270 -13.12 -30.48 -17.05
N GLN B 271 -13.84 -30.27 -18.15
CA GLN B 271 -13.20 -29.77 -19.36
C GLN B 271 -14.22 -29.31 -20.39
N PRO B 272 -13.78 -28.57 -21.42
CA PRO B 272 -14.67 -28.08 -22.47
C PRO B 272 -15.44 -29.22 -23.16
N THR B 273 -16.69 -28.96 -23.50
CA THR B 273 -17.51 -29.97 -24.14
C THR B 273 -18.42 -29.35 -25.20
N TYR B 274 -18.23 -29.82 -26.43
CA TYR B 274 -18.92 -29.36 -27.62
C TYR B 274 -19.99 -30.40 -28.00
N PHE B 275 -21.21 -29.94 -28.28
CA PHE B 275 -22.28 -30.86 -28.64
C PHE B 275 -23.42 -30.19 -29.40
N ASP B 276 -24.32 -31.00 -29.95
CA ASP B 276 -25.47 -30.52 -30.74
C ASP B 276 -26.59 -29.94 -29.90
N THR B 277 -27.23 -28.90 -30.41
CA THR B 277 -28.35 -28.28 -29.68
C THR B 277 -29.48 -29.28 -29.47
N GLY B 278 -29.84 -30.00 -30.53
CA GLY B 278 -30.92 -30.96 -30.43
C GLY B 278 -32.24 -30.34 -30.84
N LYS B 279 -32.18 -29.16 -31.45
CA LYS B 279 -33.38 -28.45 -31.88
C LYS B 279 -33.56 -28.41 -33.40
N GLN B 280 -32.79 -29.21 -34.12
CA GLN B 280 -32.87 -29.28 -35.58
C GLN B 280 -32.59 -27.95 -36.29
N ASP B 281 -31.44 -27.35 -35.96
CA ASP B 281 -31.02 -26.09 -36.57
C ASP B 281 -29.53 -26.17 -36.92
N GLY B 282 -28.95 -27.34 -36.70
CA GLY B 282 -27.55 -27.53 -37.02
C GLY B 282 -26.53 -26.83 -36.15
N ARG B 283 -26.97 -25.96 -35.25
CA ARG B 283 -26.05 -25.25 -34.38
C ARG B 283 -25.52 -26.20 -33.31
N MET B 284 -24.42 -25.81 -32.68
CA MET B 284 -23.82 -26.60 -31.61
C MET B 284 -23.66 -25.66 -30.41
N VAL B 285 -23.30 -26.22 -29.25
CA VAL B 285 -23.14 -25.43 -28.03
C VAL B 285 -22.00 -25.95 -27.17
N PHE B 286 -21.41 -25.06 -26.38
CA PHE B 286 -20.33 -25.43 -25.48
C PHE B 286 -20.82 -25.46 -24.04
N ALA B 287 -20.08 -26.24 -23.21
CA ALA B 287 -20.21 -26.12 -21.75
C ALA B 287 -18.82 -26.14 -21.10
N ILE B 288 -18.43 -24.95 -20.73
CA ILE B 288 -17.05 -24.74 -20.32
C ILE B 288 -16.77 -24.42 -18.87
N PRO B 289 -15.65 -24.93 -18.35
CA PRO B 289 -15.20 -24.72 -16.98
C PRO B 289 -14.38 -23.44 -16.92
N ARG B 290 -14.41 -22.76 -15.77
CA ARG B 290 -13.66 -21.50 -15.59
C ARG B 290 -13.70 -21.24 -14.08
N GLU B 291 -12.59 -21.56 -13.42
CA GLU B 291 -12.51 -21.46 -11.98
C GLU B 291 -13.60 -22.34 -11.36
N ASN B 292 -14.24 -21.91 -10.27
CA ASN B 292 -15.24 -22.79 -9.67
C ASN B 292 -16.58 -22.75 -10.36
N LYS B 293 -16.60 -22.21 -11.57
CA LYS B 293 -17.84 -22.14 -12.33
C LYS B 293 -17.77 -22.90 -13.65
N THR B 294 -18.91 -22.89 -14.33
CA THR B 294 -19.11 -23.52 -15.62
C THR B 294 -20.05 -22.61 -16.38
N TYR B 295 -19.62 -22.14 -17.55
CA TYR B 295 -20.46 -21.27 -18.37
C TYR B 295 -20.74 -21.96 -19.70
N PHE B 296 -21.78 -21.51 -20.38
CA PHE B 296 -22.11 -22.17 -21.60
C PHE B 296 -22.97 -21.34 -22.58
N GLY B 297 -23.10 -21.76 -23.82
CA GLY B 297 -23.71 -20.93 -24.85
C GLY B 297 -23.12 -21.08 -26.21
N THR B 298 -23.82 -20.67 -27.27
CA THR B 298 -24.35 -19.35 -27.33
C THR B 298 -25.38 -19.31 -28.40
N THR B 299 -25.63 -18.19 -29.04
CA THR B 299 -26.92 -17.75 -29.40
C THR B 299 -26.76 -16.90 -30.66
N ASP B 300 -27.71 -16.82 -31.53
CA ASP B 300 -27.58 -16.08 -32.79
C ASP B 300 -28.89 -15.37 -33.11
N THR B 301 -28.92 -14.05 -33.02
CA THR B 301 -30.17 -13.33 -33.29
C THR B 301 -30.00 -11.92 -33.84
N ASP B 302 -30.79 -11.55 -34.84
CA ASP B 302 -30.70 -10.20 -35.40
C ASP B 302 -30.95 -9.20 -34.28
N TYR B 303 -30.16 -8.13 -34.26
CA TYR B 303 -30.26 -7.13 -33.20
C TYR B 303 -30.29 -5.69 -33.68
N GLN B 304 -31.15 -4.90 -33.07
CA GLN B 304 -31.27 -3.48 -33.40
C GLN B 304 -31.48 -2.69 -32.12
N GLY B 305 -30.68 -1.65 -31.93
CA GLY B 305 -30.79 -0.86 -30.72
C GLY B 305 -29.46 -0.33 -30.22
N ASP B 306 -29.30 -0.31 -28.90
CA ASP B 306 -28.09 0.20 -28.28
C ASP B 306 -26.86 -0.75 -28.34
N PHE B 307 -25.78 -0.27 -28.94
CA PHE B 307 -24.57 -1.06 -29.06
C PHE B 307 -23.67 -1.10 -27.81
N THR B 308 -23.79 -0.11 -26.94
CA THR B 308 -22.95 -0.05 -25.75
C THR B 308 -23.35 -1.05 -24.69
N ASP B 309 -24.63 -1.41 -24.67
CA ASP B 309 -25.11 -2.39 -23.70
C ASP B 309 -26.27 -3.24 -24.20
N PRO B 310 -25.96 -4.29 -24.98
CA PRO B 310 -27.00 -5.18 -25.50
C PRO B 310 -27.48 -6.03 -24.31
N LYS B 311 -28.75 -6.39 -24.30
CA LYS B 311 -29.31 -7.15 -23.18
C LYS B 311 -29.82 -8.56 -23.44
N VAL B 312 -29.69 -9.40 -22.42
CA VAL B 312 -30.15 -10.78 -22.44
C VAL B 312 -31.66 -10.75 -22.20
N THR B 313 -32.42 -11.59 -22.90
CA THR B 313 -33.88 -11.63 -22.76
C THR B 313 -34.40 -12.98 -22.24
N GLN B 314 -35.71 -13.16 -22.26
CA GLN B 314 -36.28 -14.41 -21.77
C GLN B 314 -36.15 -15.51 -22.82
N GLU B 315 -36.34 -15.13 -24.07
CA GLU B 315 -36.25 -16.07 -25.18
C GLU B 315 -34.84 -16.62 -25.43
N ASP B 316 -33.80 -15.85 -25.11
CA ASP B 316 -32.41 -16.31 -25.28
C ASP B 316 -32.13 -17.32 -24.18
N VAL B 317 -32.80 -17.11 -23.04
CA VAL B 317 -32.67 -17.97 -21.87
C VAL B 317 -33.40 -19.28 -22.12
N ASP B 318 -34.64 -19.17 -22.60
CA ASP B 318 -35.46 -20.34 -22.91
C ASP B 318 -34.68 -21.28 -23.81
N TYR B 319 -34.24 -20.74 -24.95
CA TYR B 319 -33.48 -21.52 -25.93
C TYR B 319 -32.32 -22.28 -25.30
N LEU B 320 -31.44 -21.57 -24.60
CA LEU B 320 -30.27 -22.20 -23.99
C LEU B 320 -30.61 -23.21 -22.89
N LEU B 321 -31.58 -22.92 -22.04
CA LEU B 321 -31.92 -23.86 -20.98
C LEU B 321 -32.41 -25.17 -21.61
N ASP B 322 -33.28 -25.06 -22.61
CA ASP B 322 -33.78 -26.25 -23.30
C ASP B 322 -32.62 -27.10 -23.83
N VAL B 323 -31.48 -26.46 -24.09
CA VAL B 323 -30.32 -27.19 -24.63
C VAL B 323 -29.52 -27.90 -23.55
N ILE B 324 -29.19 -27.22 -22.46
CA ILE B 324 -28.41 -27.85 -21.39
C ILE B 324 -29.24 -28.95 -20.70
N ASN B 325 -30.56 -28.77 -20.68
CA ASN B 325 -31.41 -29.75 -20.02
C ASN B 325 -31.58 -31.03 -20.82
N HIS B 326 -31.41 -30.93 -22.12
CA HIS B 326 -31.55 -32.09 -23.00
C HIS B 326 -30.23 -32.87 -22.99
N ARG B 327 -29.10 -32.16 -22.99
CA ARG B 327 -27.80 -32.80 -22.97
C ARG B 327 -27.47 -33.36 -21.60
N TYR B 328 -28.09 -32.80 -20.57
CA TYR B 328 -27.93 -33.22 -19.15
C TYR B 328 -29.31 -33.28 -18.50
N PRO B 329 -30.00 -34.43 -18.60
CA PRO B 329 -31.35 -34.62 -18.03
C PRO B 329 -31.41 -34.66 -16.52
N GLU B 330 -30.25 -34.86 -15.88
CA GLU B 330 -30.20 -34.92 -14.43
C GLU B 330 -29.87 -33.60 -13.73
N ALA B 331 -29.64 -32.53 -14.48
CA ALA B 331 -29.29 -31.22 -13.92
C ALA B 331 -30.49 -30.37 -13.47
N ASN B 332 -31.54 -30.36 -14.29
CA ASN B 332 -32.74 -29.57 -14.01
C ASN B 332 -32.38 -28.11 -13.68
N ILE B 333 -31.88 -27.37 -14.69
CA ILE B 333 -31.48 -25.98 -14.51
C ILE B 333 -32.58 -25.01 -14.91
N THR B 334 -32.85 -24.03 -14.06
CA THR B 334 -33.87 -23.03 -14.38
C THR B 334 -33.26 -21.63 -14.30
N LEU B 335 -34.05 -20.62 -14.65
CA LEU B 335 -33.59 -19.23 -14.63
C LEU B 335 -32.96 -18.91 -13.27
N ALA B 336 -33.50 -19.52 -12.23
CA ALA B 336 -33.08 -19.31 -10.84
C ALA B 336 -31.67 -19.78 -10.48
N ASP B 337 -31.03 -20.54 -11.35
CA ASP B 337 -29.69 -21.06 -11.05
C ASP B 337 -28.57 -20.18 -11.60
N ILE B 338 -28.91 -19.26 -12.51
CA ILE B 338 -27.88 -18.42 -13.12
C ILE B 338 -27.39 -17.31 -12.21
N GLU B 339 -26.08 -17.24 -12.03
CA GLU B 339 -25.46 -16.24 -11.18
C GLU B 339 -24.76 -15.10 -11.93
N ALA B 340 -24.43 -15.31 -13.21
CA ALA B 340 -23.75 -14.30 -14.04
C ALA B 340 -24.11 -14.49 -15.51
N SER B 341 -23.82 -13.47 -16.33
CA SER B 341 -24.10 -13.53 -17.76
C SER B 341 -23.49 -12.35 -18.50
N TRP B 342 -23.71 -12.34 -19.82
CA TRP B 342 -23.23 -11.29 -20.71
C TRP B 342 -23.65 -11.52 -22.15
N ALA B 343 -23.69 -10.43 -22.91
CA ALA B 343 -24.10 -10.43 -24.30
C ALA B 343 -23.13 -9.61 -25.14
N GLY B 344 -23.03 -9.93 -26.42
CA GLY B 344 -22.15 -9.21 -27.31
C GLY B 344 -22.65 -9.14 -28.73
N LEU B 345 -22.08 -8.25 -29.54
CA LEU B 345 -22.49 -8.10 -30.94
C LEU B 345 -21.32 -8.48 -31.85
N ARG B 346 -21.61 -9.29 -32.87
CA ARG B 346 -20.59 -9.76 -33.81
C ARG B 346 -20.40 -8.75 -34.94
N PRO B 347 -19.15 -8.36 -35.22
CA PRO B 347 -18.87 -7.40 -36.30
C PRO B 347 -18.84 -8.17 -37.63
N LEU B 348 -20.00 -8.39 -38.23
CA LEU B 348 -20.10 -9.14 -39.48
C LEU B 348 -20.39 -8.23 -40.66
N LEU B 349 -19.80 -8.55 -41.82
CA LEU B 349 -20.03 -7.79 -43.03
C LEU B 349 -21.29 -8.32 -43.70
N ILE B 350 -22.02 -7.49 -44.44
CA ILE B 350 -23.22 -8.01 -45.07
C ILE B 350 -22.87 -9.21 -45.94
N GLY B 351 -23.40 -10.38 -45.56
CA GLY B 351 -23.14 -11.60 -46.29
C GLY B 351 -22.79 -12.78 -45.38
N ASN B 352 -21.90 -12.55 -44.41
CA ASN B 352 -21.49 -13.61 -43.50
C ASN B 352 -22.39 -13.80 -42.27
N SER B 353 -22.25 -14.96 -41.63
CA SER B 353 -23.05 -15.29 -40.44
C SER B 353 -22.18 -15.69 -39.25
N GLY B 354 -22.83 -15.97 -38.12
CA GLY B 354 -22.12 -16.36 -36.92
C GLY B 354 -21.56 -17.77 -36.98
N SER B 355 -22.21 -18.66 -37.71
CA SER B 355 -21.74 -20.03 -37.81
C SER B 355 -20.45 -20.14 -38.64
N ASP B 356 -20.12 -19.06 -39.35
CA ASP B 356 -18.93 -19.05 -40.17
C ASP B 356 -17.66 -18.93 -39.31
N TYR B 357 -17.82 -18.88 -37.99
CA TYR B 357 -16.66 -18.76 -37.10
C TYR B 357 -15.94 -20.08 -36.89
N ASN B 358 -16.70 -21.18 -36.85
CA ASN B 358 -16.13 -22.50 -36.63
C ASN B 358 -16.63 -23.60 -37.57
N GLY B 359 -17.34 -23.19 -38.62
CA GLY B 359 -17.86 -24.17 -39.56
C GLY B 359 -19.33 -24.46 -39.34
N GLY B 360 -19.98 -25.02 -40.36
CA GLY B 360 -21.39 -25.30 -40.27
C GLY B 360 -22.15 -24.03 -40.53
N ILE B 409 -7.56 -10.10 -47.47
CA ILE B 409 -6.70 -9.69 -46.33
C ILE B 409 -6.85 -10.60 -45.11
N SER B 410 -8.04 -11.17 -44.94
CA SER B 410 -8.29 -12.07 -43.82
C SER B 410 -9.70 -12.59 -44.00
N ARG B 411 -9.95 -13.82 -43.56
CA ARG B 411 -11.26 -14.45 -43.69
C ARG B 411 -12.37 -13.63 -43.04
N GLY B 412 -13.25 -13.03 -43.83
CA GLY B 412 -14.36 -12.25 -43.28
C GLY B 412 -14.05 -10.81 -42.93
N SER B 413 -12.88 -10.33 -43.34
CA SER B 413 -12.48 -8.96 -43.06
C SER B 413 -12.02 -8.25 -44.31
N SER B 414 -12.03 -6.93 -44.27
CA SER B 414 -11.57 -6.13 -45.41
C SER B 414 -10.88 -4.86 -44.93
N LEU B 415 -10.07 -4.28 -45.80
CA LEU B 415 -9.33 -3.05 -45.54
C LEU B 415 -9.46 -2.13 -46.75
N GLU B 416 -10.52 -1.31 -46.79
CA GLU B 416 -10.75 -0.39 -47.89
C GLU B 416 -10.42 1.05 -47.47
N ARG B 417 -10.12 1.90 -48.45
CA ARG B 417 -9.82 3.31 -48.17
C ARG B 417 -10.90 4.18 -48.80
N GLU B 418 -11.65 4.91 -47.98
CA GLU B 418 -12.72 5.78 -48.44
C GLU B 418 -12.18 6.89 -49.34
N PRO B 419 -13.07 7.53 -50.13
CA PRO B 419 -12.69 8.63 -51.04
C PRO B 419 -12.16 9.83 -50.25
N ASP B 420 -12.58 9.94 -48.99
CA ASP B 420 -12.14 11.03 -48.13
C ASP B 420 -10.70 10.79 -47.64
N GLY B 421 -10.23 9.56 -47.73
CA GLY B 421 -8.87 9.25 -47.31
C GLY B 421 -8.82 8.53 -45.99
N LEU B 422 -9.97 7.99 -45.57
CA LEU B 422 -10.07 7.29 -44.30
C LEU B 422 -9.85 5.80 -44.51
N LEU B 423 -8.93 5.23 -43.76
CA LEU B 423 -8.67 3.81 -43.84
C LEU B 423 -9.63 3.10 -42.89
N THR B 424 -10.22 1.98 -43.34
CA THR B 424 -11.17 1.21 -42.53
C THR B 424 -10.87 -0.28 -42.55
N LEU B 425 -10.68 -0.86 -41.36
CA LEU B 425 -10.37 -2.28 -41.18
C LEU B 425 -11.52 -2.94 -40.42
N SER B 426 -12.40 -3.63 -41.14
CA SER B 426 -13.58 -4.25 -40.51
C SER B 426 -13.74 -5.77 -40.64
N GLY B 427 -14.73 -6.31 -39.90
CA GLY B 427 -15.03 -7.73 -39.92
C GLY B 427 -13.97 -8.55 -39.21
N GLY B 428 -13.71 -9.76 -39.73
CA GLY B 428 -12.69 -10.59 -39.14
C GLY B 428 -13.07 -11.20 -37.80
N LYS B 429 -12.06 -11.66 -37.06
CA LYS B 429 -12.30 -12.27 -35.77
C LYS B 429 -11.05 -12.25 -34.90
N ILE B 430 -11.25 -12.14 -33.60
CA ILE B 430 -10.17 -12.03 -32.63
C ILE B 430 -8.96 -12.91 -32.85
N THR B 431 -9.17 -14.17 -33.18
CA THR B 431 -8.03 -15.07 -33.40
C THR B 431 -7.11 -14.61 -34.54
N ASP B 432 -7.62 -13.80 -35.45
CA ASP B 432 -6.80 -13.27 -36.55
C ASP B 432 -6.38 -11.79 -36.39
N TYR B 433 -6.45 -11.26 -35.16
CA TYR B 433 -6.09 -9.86 -34.87
C TYR B 433 -4.72 -9.45 -35.36
N ARG B 434 -3.67 -10.20 -34.99
CA ARG B 434 -2.30 -9.89 -35.41
C ARG B 434 -2.13 -9.88 -36.92
N LYS B 435 -2.77 -10.86 -37.56
CA LYS B 435 -2.73 -11.02 -39.00
C LYS B 435 -3.41 -9.88 -39.74
N MET B 436 -4.49 -9.34 -39.17
CA MET B 436 -5.20 -8.22 -39.83
C MET B 436 -4.40 -6.91 -39.75
N ALA B 437 -3.67 -6.73 -38.64
CA ALA B 437 -2.89 -5.51 -38.41
C ALA B 437 -1.66 -5.46 -39.31
N GLU B 438 -1.09 -6.63 -39.61
CA GLU B 438 0.06 -6.68 -40.49
C GLU B 438 -0.37 -6.22 -41.88
N GLY B 439 -1.62 -6.49 -42.24
CA GLY B 439 -2.12 -6.08 -43.54
C GLY B 439 -2.50 -4.63 -43.50
N ALA B 440 -2.60 -4.08 -42.29
CA ALA B 440 -2.95 -2.68 -42.15
C ALA B 440 -1.68 -1.84 -42.27
N LEU B 441 -0.61 -2.29 -41.61
CA LEU B 441 0.69 -1.63 -41.63
C LEU B 441 1.32 -1.60 -43.02
N ARG B 442 0.75 -2.35 -43.95
CA ARG B 442 1.27 -2.42 -45.32
C ARG B 442 0.73 -1.26 -46.15
N LEU B 443 -0.58 -1.04 -46.11
CA LEU B 443 -1.18 0.08 -46.83
C LEU B 443 -0.91 1.38 -46.06
N ILE B 444 -0.02 1.29 -45.06
CA ILE B 444 0.33 2.44 -44.25
C ILE B 444 1.80 2.79 -44.42
N ARG B 445 2.68 1.79 -44.48
CA ARG B 445 4.10 2.07 -44.67
C ARG B 445 4.32 2.55 -46.09
N GLN B 446 3.39 2.22 -46.98
CA GLN B 446 3.47 2.62 -48.38
C GLN B 446 2.76 3.96 -48.57
N LEU B 447 1.73 4.20 -47.79
CA LEU B 447 0.97 5.44 -47.92
C LEU B 447 1.71 6.66 -47.31
N LEU B 448 2.65 6.40 -46.42
CA LEU B 448 3.42 7.45 -45.80
C LEU B 448 4.57 7.94 -46.70
N LYS B 449 4.87 7.19 -47.76
CA LYS B 449 5.93 7.58 -48.70
C LYS B 449 5.34 8.14 -49.98
N GLU B 450 4.48 7.37 -50.64
CA GLU B 450 3.86 7.81 -51.87
C GLU B 450 3.13 9.15 -51.69
N GLU B 451 3.07 9.62 -50.45
CA GLU B 451 2.41 10.89 -50.16
C GLU B 451 3.18 11.83 -49.22
N TYR B 452 4.09 11.29 -48.41
CA TYR B 452 4.87 12.12 -47.49
C TYR B 452 6.35 11.80 -47.46
N GLY B 453 6.71 10.59 -47.90
CA GLY B 453 8.11 10.18 -47.93
C GLY B 453 8.76 9.87 -46.59
N ILE B 454 8.02 9.26 -45.68
CA ILE B 454 8.57 8.91 -44.38
C ILE B 454 9.24 7.55 -44.40
N GLU B 455 10.43 7.48 -43.80
CA GLU B 455 11.17 6.23 -43.76
C GLU B 455 10.68 5.31 -42.63
N THR B 456 9.62 4.56 -42.92
CA THR B 456 9.03 3.65 -41.94
C THR B 456 9.84 2.35 -41.83
N LYS B 457 10.00 1.86 -40.61
CA LYS B 457 10.78 0.66 -40.34
C LYS B 457 10.02 -0.63 -40.70
N GLU B 458 10.68 -1.77 -40.53
CA GLU B 458 10.12 -3.09 -40.82
C GLU B 458 10.30 -4.02 -39.62
N ILE B 459 9.27 -4.77 -39.26
CA ILE B 459 9.34 -5.69 -38.12
C ILE B 459 8.68 -7.04 -38.38
N ASP B 460 8.60 -7.85 -37.33
CA ASP B 460 7.98 -9.16 -37.42
C ASP B 460 7.00 -9.34 -36.27
N SER B 461 5.77 -8.92 -36.49
CA SER B 461 4.73 -9.04 -35.48
C SER B 461 4.60 -10.45 -34.93
N LYS B 462 4.85 -11.44 -35.78
CA LYS B 462 4.73 -12.83 -35.36
C LYS B 462 5.75 -13.22 -34.29
N LYS B 463 6.76 -12.38 -34.08
CA LYS B 463 7.79 -12.70 -33.08
C LYS B 463 7.96 -11.65 -31.96
N TYR B 464 7.26 -10.52 -32.05
CA TYR B 464 7.35 -9.47 -31.04
C TYR B 464 6.43 -9.74 -29.85
N GLN B 465 6.96 -10.37 -28.80
CA GLN B 465 6.19 -10.70 -27.60
C GLN B 465 5.70 -9.41 -26.93
N ILE B 466 4.50 -9.47 -26.37
CA ILE B 466 3.87 -8.33 -25.73
C ILE B 466 4.07 -8.24 -24.21
N SER B 467 3.30 -7.36 -23.59
CA SER B 467 3.36 -7.10 -22.15
C SER B 467 3.12 -8.32 -21.25
N GLY B 468 4.02 -8.49 -20.30
CA GLY B 468 3.91 -9.58 -19.33
C GLY B 468 4.20 -10.96 -19.85
N GLY B 469 4.51 -11.07 -21.14
CA GLY B 469 4.80 -12.37 -21.72
C GLY B 469 5.97 -12.38 -22.68
N ASN B 470 7.17 -12.21 -22.16
CA ASN B 470 8.34 -12.23 -23.02
C ASN B 470 9.19 -13.46 -22.78
N PHE B 471 8.77 -14.29 -21.82
CA PHE B 471 9.49 -15.50 -21.50
C PHE B 471 9.36 -16.57 -22.57
N ASP B 472 10.06 -17.68 -22.37
CA ASP B 472 10.07 -18.80 -23.29
C ASP B 472 8.71 -19.51 -23.41
N PRO B 473 8.17 -19.55 -24.64
CA PRO B 473 6.88 -20.16 -24.99
C PRO B 473 6.55 -21.49 -24.32
N THR B 474 7.50 -22.41 -24.34
CA THR B 474 7.26 -23.71 -23.72
C THR B 474 7.50 -23.64 -22.21
N LYS B 475 7.32 -22.44 -21.64
CA LYS B 475 7.51 -22.20 -20.21
C LYS B 475 6.97 -23.32 -19.33
N GLU B 495 -0.08 -20.14 -3.44
CA GLU B 495 -1.46 -20.53 -3.71
C GLU B 495 -2.30 -19.33 -4.17
N ASP B 496 -1.80 -18.13 -3.90
CA ASP B 496 -2.36 -16.92 -4.48
C ASP B 496 -1.21 -16.14 -5.07
N ALA B 497 -0.02 -16.74 -5.01
CA ALA B 497 1.11 -16.25 -5.78
C ALA B 497 1.32 -17.13 -6.99
N THR B 498 0.61 -18.26 -6.99
CA THR B 498 0.64 -19.24 -8.08
C THR B 498 -0.33 -18.73 -9.13
N TYR B 499 -1.49 -18.27 -8.68
CA TYR B 499 -2.53 -17.72 -9.55
C TYR B 499 -1.94 -16.49 -10.22
N ILE B 500 -1.44 -15.57 -9.40
CA ILE B 500 -0.83 -14.33 -9.86
C ILE B 500 0.23 -14.54 -10.95
N ALA B 501 0.99 -15.61 -10.84
CA ALA B 501 2.02 -15.88 -11.83
C ALA B 501 1.41 -16.35 -13.14
N ASP B 502 0.48 -17.31 -13.05
CA ASP B 502 -0.17 -17.87 -14.23
C ASP B 502 -1.24 -16.95 -14.84
N PHE B 503 -1.40 -15.74 -14.28
CA PHE B 503 -2.40 -14.80 -14.78
C PHE B 503 -1.76 -13.54 -15.34
N TYR B 504 -0.70 -13.06 -14.70
CA TYR B 504 -0.01 -11.86 -15.19
C TYR B 504 1.29 -12.28 -15.85
N GLY B 505 1.70 -13.52 -15.57
CA GLY B 505 2.93 -14.03 -16.14
C GLY B 505 4.15 -13.35 -15.59
N THR B 506 4.75 -12.46 -16.39
CA THR B 506 5.93 -11.73 -15.98
C THR B 506 5.61 -10.58 -15.03
N ASN B 507 4.61 -9.77 -15.36
CA ASN B 507 4.24 -8.63 -14.54
C ASN B 507 3.79 -9.01 -13.11
N ALA B 508 3.84 -10.30 -12.79
CA ALA B 508 3.47 -10.76 -11.46
C ALA B 508 4.61 -10.39 -10.52
N ARG B 509 5.77 -10.13 -11.11
CA ARG B 509 6.98 -9.74 -10.39
C ARG B 509 6.79 -8.36 -9.75
N ARG B 510 6.28 -7.43 -10.55
CA ARG B 510 6.02 -6.06 -10.11
C ARG B 510 4.92 -6.07 -9.04
N ILE B 511 3.99 -7.00 -9.15
CA ILE B 511 2.90 -7.10 -8.19
C ILE B 511 3.42 -7.45 -6.80
N PHE B 512 4.31 -8.45 -6.73
CA PHE B 512 4.87 -8.89 -5.46
C PHE B 512 5.60 -7.78 -4.71
N GLU B 513 6.44 -7.03 -5.43
CA GLU B 513 7.19 -5.94 -4.80
C GLU B 513 6.27 -5.04 -4.00
N LEU B 514 5.05 -4.84 -4.51
CA LEU B 514 4.09 -3.97 -3.87
C LEU B 514 3.29 -4.61 -2.73
N ALA B 515 3.36 -5.93 -2.61
CA ALA B 515 2.62 -6.64 -1.57
C ALA B 515 3.32 -6.62 -0.20
N ALA B 519 1.53 -2.59 2.70
CA ALA B 519 0.64 -1.42 2.94
C ALA B 519 -0.78 -1.69 2.45
N PRO B 520 -1.41 -2.79 2.91
CA PRO B 520 -2.77 -3.20 2.54
C PRO B 520 -3.86 -2.11 2.52
N TYR B 521 -5.12 -2.54 2.46
CA TYR B 521 -6.24 -1.60 2.44
C TYR B 521 -7.33 -2.10 3.38
N PRO B 522 -8.14 -1.18 3.92
CA PRO B 522 -9.22 -1.50 4.84
C PRO B 522 -10.29 -2.38 4.19
N GLY B 523 -10.55 -3.54 4.80
CA GLY B 523 -11.56 -4.46 4.29
C GLY B 523 -11.05 -5.45 3.25
N LEU B 524 -9.88 -5.19 2.69
CA LEU B 524 -9.29 -6.05 1.66
C LEU B 524 -8.25 -7.01 2.22
N SER B 525 -7.41 -7.52 1.31
CA SER B 525 -6.35 -8.45 1.66
C SER B 525 -5.02 -7.93 1.14
N LEU B 526 -3.93 -8.63 1.49
CA LEU B 526 -2.60 -8.21 1.06
C LEU B 526 -2.45 -8.33 -0.44
N ALA B 527 -2.66 -9.54 -0.94
CA ALA B 527 -2.54 -9.82 -2.37
C ALA B 527 -3.52 -8.97 -3.18
N GLU B 528 -4.79 -9.00 -2.78
CA GLU B 528 -5.84 -8.25 -3.44
C GLU B 528 -5.55 -6.76 -3.49
N SER B 529 -4.71 -6.28 -2.57
CA SER B 529 -4.35 -4.87 -2.49
C SER B 529 -3.42 -4.48 -3.63
N ALA B 530 -2.38 -5.29 -3.84
CA ALA B 530 -1.42 -5.02 -4.90
C ALA B 530 -2.06 -5.10 -6.30
N ARG B 531 -2.86 -6.14 -6.55
CA ARG B 531 -3.52 -6.32 -7.85
C ARG B 531 -4.45 -5.16 -8.17
N LEU B 532 -4.81 -4.39 -7.15
CA LEU B 532 -5.68 -3.23 -7.30
C LEU B 532 -4.81 -2.01 -7.53
N ARG B 533 -3.74 -1.93 -6.75
CA ARG B 533 -2.80 -0.83 -6.85
C ARG B 533 -2.13 -0.92 -8.22
N TYR B 534 -1.82 -2.16 -8.64
CA TYR B 534 -1.17 -2.41 -9.92
C TYR B 534 -2.06 -1.94 -11.05
N GLY B 535 -3.36 -2.21 -10.91
CA GLY B 535 -4.31 -1.79 -11.92
C GLY B 535 -4.27 -0.29 -12.10
N LEU B 536 -4.31 0.43 -10.99
CA LEU B 536 -4.29 1.91 -10.96
C LEU B 536 -3.00 2.50 -11.49
N GLU B 537 -1.89 1.92 -11.07
CA GLU B 537 -0.56 2.36 -11.47
C GLU B 537 -0.23 2.04 -12.91
N GLU B 538 -0.62 0.84 -13.29
CA GLU B 538 -0.25 0.23 -14.54
C GLU B 538 -1.25 -0.22 -15.61
N GLU B 539 -2.52 -0.31 -15.25
CA GLU B 539 -3.51 -0.81 -16.18
C GLU B 539 -4.61 0.19 -16.52
N MET B 540 -4.31 1.47 -16.35
CA MET B 540 -5.24 2.56 -16.65
C MET B 540 -6.62 2.41 -16.00
N VAL B 541 -6.67 1.82 -14.82
CA VAL B 541 -7.95 1.64 -14.14
C VAL B 541 -8.52 3.00 -13.73
N LEU B 542 -9.47 3.51 -14.51
CA LEU B 542 -10.07 4.79 -14.18
C LEU B 542 -11.30 4.60 -13.32
N ALA B 543 -12.10 3.58 -13.64
CA ALA B 543 -13.30 3.28 -12.85
C ALA B 543 -13.17 1.93 -12.14
N PRO B 544 -14.07 1.66 -11.17
CA PRO B 544 -13.99 0.38 -10.45
C PRO B 544 -14.41 -0.82 -11.32
N GLY B 545 -15.45 -0.66 -12.13
CA GLY B 545 -15.90 -1.74 -12.98
C GLY B 545 -14.83 -2.27 -13.94
N ASP B 546 -13.95 -1.39 -14.41
CA ASP B 546 -12.88 -1.83 -15.32
C ASP B 546 -11.96 -2.83 -14.61
N TYR B 547 -12.01 -2.83 -13.28
CA TYR B 547 -11.16 -3.71 -12.49
C TYR B 547 -11.79 -5.07 -12.13
N LEU B 548 -13.05 -5.05 -11.71
CA LEU B 548 -13.76 -6.26 -11.32
C LEU B 548 -14.31 -7.05 -12.51
N ILE B 549 -14.27 -6.40 -13.67
CA ILE B 549 -14.76 -7.02 -14.89
C ILE B 549 -13.69 -7.32 -15.95
N ARG B 550 -12.92 -6.31 -16.36
CA ARG B 550 -11.93 -6.52 -17.40
C ARG B 550 -10.49 -6.80 -17.00
N ARG B 551 -10.07 -6.38 -15.81
CA ARG B 551 -8.67 -6.64 -15.42
C ARG B 551 -8.54 -7.92 -14.59
N THR B 552 -9.67 -8.44 -14.09
CA THR B 552 -9.72 -9.66 -13.29
C THR B 552 -11.06 -10.39 -13.44
N ASN B 553 -11.16 -11.60 -12.89
CA ASN B 553 -12.40 -12.36 -12.99
C ASN B 553 -13.26 -12.36 -11.73
N HIS B 554 -13.44 -11.17 -11.14
CA HIS B 554 -14.25 -11.04 -9.93
C HIS B 554 -15.75 -11.10 -10.17
N LEU B 555 -16.27 -10.22 -11.02
CA LEU B 555 -17.72 -10.19 -11.29
C LEU B 555 -18.29 -11.39 -12.08
N LEU B 556 -17.63 -11.77 -13.17
CA LEU B 556 -18.17 -12.84 -14.00
C LEU B 556 -18.08 -14.27 -13.45
N PHE B 557 -16.94 -14.61 -12.83
CA PHE B 557 -16.74 -15.94 -12.30
C PHE B 557 -16.64 -16.11 -10.78
N GLU B 558 -16.70 -15.02 -10.01
CA GLU B 558 -16.60 -15.12 -8.55
C GLU B 558 -17.69 -14.32 -7.86
N ARG B 559 -18.86 -14.26 -8.46
CA ARG B 559 -19.99 -13.52 -7.93
C ARG B 559 -20.20 -13.70 -6.44
N ASP B 560 -20.36 -14.96 -6.01
CA ASP B 560 -20.57 -15.31 -4.59
C ASP B 560 -19.47 -14.86 -3.61
N GLN B 561 -18.54 -14.02 -4.08
CA GLN B 561 -17.47 -13.52 -3.22
C GLN B 561 -17.31 -12.02 -3.42
N LEU B 562 -18.11 -11.48 -4.33
CA LEU B 562 -18.07 -10.07 -4.67
C LEU B 562 -18.57 -9.13 -3.56
N ASP B 563 -19.63 -9.52 -2.86
CA ASP B 563 -20.20 -8.66 -1.82
C ASP B 563 -19.40 -8.46 -0.53
N GLU B 564 -18.20 -9.00 -0.47
CA GLU B 564 -17.37 -8.81 0.71
C GLU B 564 -16.04 -8.18 0.29
N ILE B 565 -16.02 -7.58 -0.90
CA ILE B 565 -14.83 -6.92 -1.42
C ILE B 565 -15.23 -5.75 -2.31
N LYS B 566 -16.51 -5.67 -2.63
CA LYS B 566 -17.09 -4.64 -3.47
C LYS B 566 -16.88 -3.23 -2.94
N GLN B 567 -17.44 -2.94 -1.76
CA GLN B 567 -17.31 -1.62 -1.15
C GLN B 567 -15.85 -1.26 -0.88
N PRO B 568 -15.10 -2.20 -0.29
CA PRO B 568 -13.68 -1.94 -0.01
C PRO B 568 -12.90 -1.50 -1.23
N VAL B 569 -13.08 -2.20 -2.36
CA VAL B 569 -12.36 -1.86 -3.59
C VAL B 569 -12.63 -0.43 -4.07
N ILE B 570 -13.90 -0.04 -4.01
CA ILE B 570 -14.35 1.29 -4.43
C ILE B 570 -13.69 2.39 -3.59
N ASP B 571 -13.61 2.19 -2.28
CA ASP B 571 -12.99 3.17 -1.36
C ASP B 571 -11.47 3.34 -1.58
N ALA B 572 -10.80 2.30 -2.03
CA ALA B 572 -9.37 2.41 -2.29
C ALA B 572 -9.21 3.21 -3.59
N ILE B 573 -10.21 3.10 -4.47
CA ILE B 573 -10.18 3.82 -5.75
C ILE B 573 -10.44 5.28 -5.41
N ALA B 574 -11.53 5.51 -4.66
CA ALA B 574 -11.92 6.85 -4.24
C ALA B 574 -10.73 7.52 -3.56
N GLU B 575 -9.98 6.74 -2.79
CA GLU B 575 -8.81 7.23 -2.07
C GLU B 575 -7.71 7.63 -3.03
N TYR B 576 -7.29 6.70 -3.89
CA TYR B 576 -6.23 6.98 -4.87
C TYR B 576 -6.54 8.19 -5.76
N PHE B 577 -7.80 8.30 -6.20
CA PHE B 577 -8.20 9.41 -7.05
C PHE B 577 -8.65 10.62 -6.25
N GLY B 578 -8.96 10.40 -4.99
CA GLY B 578 -9.43 11.49 -4.15
C GLY B 578 -10.60 12.15 -4.83
N TRP B 579 -11.46 11.36 -5.44
CA TRP B 579 -12.60 11.89 -6.15
C TRP B 579 -13.34 13.01 -5.46
N THR B 580 -14.33 12.63 -4.67
CA THR B 580 -15.22 13.58 -4.00
C THR B 580 -16.48 12.80 -3.61
N GLU B 581 -17.25 13.32 -2.66
CA GLU B 581 -18.44 12.63 -2.20
C GLU B 581 -19.58 12.48 -3.20
N GLU B 582 -19.48 13.12 -4.37
CA GLU B 582 -20.51 12.99 -5.38
C GLU B 582 -20.00 12.19 -6.56
N GLU B 583 -18.69 12.26 -6.78
CA GLU B 583 -18.05 11.51 -7.85
C GLU B 583 -18.07 10.05 -7.40
N LYS B 584 -17.96 9.87 -6.08
CA LYS B 584 -17.96 8.54 -5.48
C LYS B 584 -19.36 7.96 -5.56
N ALA B 585 -20.35 8.81 -5.36
CA ALA B 585 -21.75 8.39 -5.41
C ALA B 585 -22.14 7.95 -6.80
N GLN B 586 -21.73 8.71 -7.81
CA GLN B 586 -22.06 8.41 -9.20
C GLN B 586 -21.47 7.08 -9.66
N GLN B 587 -20.23 6.84 -9.26
CA GLN B 587 -19.51 5.62 -9.57
C GLN B 587 -20.30 4.40 -9.07
N THR B 588 -20.50 4.34 -7.75
CA THR B 588 -21.21 3.24 -7.11
C THR B 588 -22.55 3.00 -7.82
N LYS B 589 -23.20 4.08 -8.20
CA LYS B 589 -24.47 4.00 -8.91
C LYS B 589 -24.28 3.19 -10.19
N ARG B 590 -23.13 3.39 -10.84
CA ARG B 590 -22.81 2.69 -12.07
C ARG B 590 -22.60 1.18 -11.85
N LEU B 591 -21.99 0.80 -10.72
CA LEU B 591 -21.79 -0.62 -10.42
C LEU B 591 -23.11 -1.30 -10.16
N GLU B 592 -24.05 -0.59 -9.56
CA GLU B 592 -25.37 -1.15 -9.26
C GLU B 592 -26.11 -1.55 -10.52
N ALA B 593 -26.11 -0.67 -11.52
CA ALA B 593 -26.78 -0.91 -12.78
C ALA B 593 -26.16 -2.08 -13.54
N LEU B 594 -24.83 -2.15 -13.52
CA LEU B 594 -24.13 -3.21 -14.22
C LEU B 594 -24.32 -4.60 -13.60
N ILE B 595 -23.99 -4.72 -12.31
CA ILE B 595 -24.15 -6.00 -11.64
C ILE B 595 -25.57 -6.55 -11.80
N ALA B 596 -26.56 -5.67 -11.69
CA ALA B 596 -27.96 -6.06 -11.81
C ALA B 596 -28.34 -6.63 -13.18
N GLU B 597 -27.80 -6.05 -14.25
CA GLU B 597 -28.12 -6.54 -15.59
C GLU B 597 -27.43 -7.86 -15.86
N SER B 598 -26.32 -8.10 -15.18
CA SER B 598 -25.57 -9.34 -15.35
C SER B 598 -26.33 -10.49 -14.64
N ASP B 599 -26.79 -10.19 -13.43
CA ASP B 599 -27.50 -11.15 -12.63
C ASP B 599 -28.96 -11.21 -13.00
N LEU B 600 -29.26 -10.74 -14.21
CA LEU B 600 -30.64 -10.73 -14.75
C LEU B 600 -31.75 -10.51 -13.71
N ARG B 601 -31.59 -9.51 -12.83
CA ARG B 601 -32.61 -9.22 -11.83
C ARG B 601 -33.89 -8.75 -12.48
N GLU B 602 -33.77 -8.00 -13.58
CA GLU B 602 -34.93 -7.50 -14.29
C GLU B 602 -35.77 -8.62 -14.91
N LEU B 603 -35.21 -9.82 -14.98
CA LEU B 603 -35.94 -10.97 -15.56
C LEU B 603 -36.53 -11.82 -14.47
N LYS B 604 -35.78 -11.96 -13.37
CA LYS B 604 -36.19 -12.74 -12.21
C LYS B 604 -37.28 -12.04 -11.37
N GLY B 605 -37.74 -10.88 -11.82
CA GLY B 605 -38.74 -10.16 -11.04
C GLY B 605 -38.09 -9.90 -9.69
N GLU B 606 -36.83 -9.45 -9.75
CA GLU B 606 -36.01 -9.16 -8.57
C GLU B 606 -35.42 -10.44 -7.99
N LYS B 607 -34.37 -10.92 -8.63
CA LYS B 607 -33.66 -12.15 -8.25
C LYS B 607 -34.60 -13.28 -7.81
#